data_6I2P
#
_entry.id   6I2P
#
_cell.length_a   69.310
_cell.length_b   70.460
_cell.length_c   188.600
_cell.angle_alpha   90.00
_cell.angle_beta   90.00
_cell.angle_gamma   90.00
#
_symmetry.space_group_name_H-M   'P 21 21 21'
#
loop_
_entity.id
_entity.type
_entity.pdbx_description
1 polymer 'Serine/threonine-protein kinase PknB'
2 polymer 'Glycogen accumulation regulator GarA'
3 polymer UNK-UNK-UNK-UNK-UNK
4 non-polymer 'PHOSPHOMETHYLPHOSPHONIC ACID ADENYLATE ESTER'
5 non-polymer 'MAGNESIUM ION'
6 non-polymer 'SULFATE ION'
7 water water
#
loop_
_entity_poly.entity_id
_entity_poly.type
_entity_poly.pdbx_seq_one_letter_code
_entity_poly.pdbx_strand_id
1 'polypeptide(L)'
;GMTTPSHLSDRYELGEILGFGGMSEVHLARDLREHRDVAVKVLRADLARDPSFYLRFRREAQNAAALNHPAIVAVYDTGE
AETPAGPLPYIVMEYVDGVTLRDIVHTEGPMTPKRAIEVIADACQALNFSHQNGIIHRDVKPANIMISATNAVKVMDFGI
ARAIADSGNSV(TPO)Q(TPO)AAVIGTAQYLSPEQARGDSVDARSDVYSLGCVLYEVLTGEPPFTGDSPVSVAYQHVRE
DPIPPSARHEGLSADLDAVVLKALAKNPENRYQTAAEMRADLVRVHNG
;
A,B
2 'polypeptide(L)'
;GMTDMNPDIEKDQTSDEVTVETTSVFRADFLSELDAPAQAGTESAVSGVEGLPPGSALLVVKRGPNAGSRFLLDQAITSA
GRHPDSDIFLDDVTVSRRHAEFRLENNEFNVVDVGSLNGTYVNREPVDSAVLANGDEVQIGKFRLVFLTGPKQGEDDGST
GGP
;
D,E
3 'polypeptide(L)' (UNK)(UNK)(UNK)(UNK)(UNK) C
#
loop_
_chem_comp.id
_chem_comp.type
_chem_comp.name
_chem_comp.formula
ACP non-polymer 'PHOSPHOMETHYLPHOSPHONIC ACID ADENYLATE ESTER' 'C11 H18 N5 O12 P3'
MG non-polymer 'MAGNESIUM ION' 'Mg 2'
SO4 non-polymer 'SULFATE ION' 'O4 S -2'
#
# COMPACT_ATOMS: atom_id res chain seq x y z
N MET A 2 26.01 26.69 -36.82
CA MET A 2 24.92 26.99 -35.89
C MET A 2 25.45 27.67 -34.61
N THR A 3 24.73 28.70 -34.13
CA THR A 3 25.10 29.50 -32.95
C THR A 3 23.87 29.99 -32.13
N THR A 4 24.14 30.71 -31.02
CA THR A 4 23.13 31.33 -30.17
C THR A 4 22.86 32.75 -30.70
N PRO A 5 21.62 33.31 -30.59
CA PRO A 5 21.39 34.68 -31.07
C PRO A 5 22.19 35.70 -30.28
N SER A 6 22.53 36.84 -30.88
CA SER A 6 23.29 37.87 -30.18
C SER A 6 22.40 38.61 -29.16
N HIS A 7 21.08 38.65 -29.42
CA HIS A 7 20.12 39.33 -28.57
C HIS A 7 18.83 38.53 -28.39
N LEU A 8 18.27 38.57 -27.16
CA LEU A 8 16.98 37.98 -26.81
C LEU A 8 16.12 39.22 -26.61
N SER A 9 15.35 39.58 -27.65
CA SER A 9 14.58 40.82 -27.82
C SER A 9 15.58 41.98 -28.04
N ASP A 10 15.09 43.23 -28.15
CA ASP A 10 15.97 44.38 -28.35
C ASP A 10 16.64 44.85 -27.04
N ARG A 11 16.30 44.20 -25.91
CA ARG A 11 16.75 44.53 -24.56
C ARG A 11 17.96 43.72 -24.04
N TYR A 12 18.06 42.43 -24.36
CA TYR A 12 19.14 41.61 -23.81
C TYR A 12 20.20 41.19 -24.81
N GLU A 13 21.41 41.74 -24.67
CA GLU A 13 22.57 41.42 -25.49
C GLU A 13 23.35 40.30 -24.80
N LEU A 14 23.39 39.10 -25.42
CA LEU A 14 24.06 37.92 -24.86
C LEU A 14 25.57 37.95 -24.99
N GLY A 15 26.23 37.58 -23.90
CA GLY A 15 27.68 37.48 -23.81
C GLY A 15 28.11 36.04 -23.64
N GLU A 16 29.11 35.82 -22.76
CA GLU A 16 29.67 34.52 -22.47
C GLU A 16 28.71 33.58 -21.74
N ILE A 17 28.93 32.26 -21.85
CA ILE A 17 28.14 31.26 -21.15
C ILE A 17 28.77 31.09 -19.75
N LEU A 18 27.95 31.24 -18.71
CA LEU A 18 28.37 31.12 -17.31
C LEU A 18 28.38 29.68 -16.82
N GLY A 19 27.46 28.89 -17.33
CA GLY A 19 27.30 27.50 -16.99
C GLY A 19 26.19 26.80 -17.73
N PHE A 20 26.03 25.52 -17.43
CA PHE A 20 25.05 24.66 -18.08
C PHE A 20 24.28 23.88 -17.05
N GLY A 21 22.99 23.70 -17.31
CA GLY A 21 22.10 22.89 -16.50
C GLY A 21 21.88 21.56 -17.17
N GLY A 22 20.64 21.07 -17.12
CA GLY A 22 20.26 19.81 -17.76
C GLY A 22 20.04 19.98 -19.24
N MET A 23 19.08 20.84 -19.60
CA MET A 23 18.69 21.16 -20.98
C MET A 23 18.97 22.64 -21.29
N SER A 24 19.53 23.34 -20.31
CA SER A 24 19.77 24.77 -20.38
C SER A 24 21.24 25.20 -20.42
N GLU A 25 21.45 26.46 -20.77
CA GLU A 25 22.70 27.18 -20.70
C GLU A 25 22.40 28.57 -20.17
N VAL A 26 23.27 29.09 -19.31
CA VAL A 26 23.11 30.41 -18.70
C VAL A 26 24.16 31.33 -19.31
N HIS A 27 23.72 32.47 -19.87
CA HIS A 27 24.62 33.46 -20.45
C HIS A 27 24.67 34.69 -19.57
N LEU A 28 25.83 35.33 -19.54
CA LEU A 28 26.01 36.63 -18.91
C LEU A 28 25.47 37.57 -20.00
N ALA A 29 24.57 38.47 -19.65
CA ALA A 29 23.98 39.37 -20.63
C ALA A 29 23.90 40.78 -20.13
N ARG A 30 23.66 41.71 -21.06
CA ARG A 30 23.52 43.12 -20.74
C ARG A 30 22.08 43.55 -20.97
N ASP A 31 21.45 44.08 -19.93
CA ASP A 31 20.09 44.61 -19.98
C ASP A 31 20.27 46.04 -20.49
N LEU A 32 20.03 46.23 -21.79
CA LEU A 32 20.19 47.50 -22.50
C LEU A 32 19.18 48.58 -22.09
N ARG A 33 18.07 48.19 -21.41
CA ARG A 33 17.05 49.12 -20.93
C ARG A 33 17.42 49.63 -19.54
N GLU A 34 17.64 48.72 -18.57
CA GLU A 34 17.97 49.04 -17.19
C GLU A 34 19.45 49.34 -16.94
N HIS A 35 20.31 49.14 -17.97
CA HIS A 35 21.76 49.37 -17.95
C HIS A 35 22.45 48.57 -16.83
N ARG A 36 22.22 47.25 -16.82
CA ARG A 36 22.76 46.35 -15.82
C ARG A 36 23.15 45.00 -16.42
N ASP A 37 24.03 44.26 -15.73
CA ASP A 37 24.43 42.92 -16.12
C ASP A 37 23.41 41.95 -15.53
N VAL A 38 22.96 40.99 -16.34
CA VAL A 38 21.98 39.97 -15.94
C VAL A 38 22.46 38.59 -16.37
N ALA A 39 21.87 37.53 -15.81
CA ALA A 39 22.15 36.15 -16.18
C ALA A 39 20.88 35.65 -16.89
N VAL A 40 21.01 35.21 -18.15
CA VAL A 40 19.86 34.72 -18.90
C VAL A 40 19.94 33.20 -19.10
N LYS A 41 18.99 32.47 -18.48
CA LYS A 41 18.90 31.02 -18.61
C LYS A 41 18.06 30.74 -19.84
N VAL A 42 18.62 29.98 -20.74
CA VAL A 42 17.98 29.68 -22.01
C VAL A 42 18.09 28.20 -22.32
N LEU A 43 17.19 27.67 -23.15
CA LEU A 43 17.23 26.28 -23.61
C LEU A 43 18.45 26.16 -24.52
N ARG A 44 19.24 25.08 -24.40
CA ARG A 44 20.44 24.88 -25.23
C ARG A 44 20.12 24.99 -26.72
N ALA A 45 20.95 25.74 -27.47
CA ALA A 45 20.82 25.99 -28.91
C ALA A 45 20.62 24.72 -29.75
N ASP A 46 21.28 23.60 -29.35
CA ASP A 46 21.18 22.31 -30.03
C ASP A 46 19.85 21.59 -29.76
N LEU A 47 19.09 22.04 -28.75
CA LEU A 47 17.80 21.45 -28.35
C LEU A 47 16.61 22.30 -28.75
N ALA A 48 16.87 23.57 -29.13
CA ALA A 48 15.85 24.57 -29.49
C ALA A 48 14.82 24.11 -30.53
N ARG A 49 15.24 23.35 -31.55
CA ARG A 49 14.36 22.85 -32.60
C ARG A 49 13.56 21.61 -32.17
N ASP A 50 13.86 21.05 -30.99
CA ASP A 50 13.16 19.87 -30.47
C ASP A 50 11.88 20.30 -29.74
N PRO A 51 10.69 19.94 -30.27
CA PRO A 51 9.43 20.36 -29.59
C PRO A 51 9.23 19.83 -28.17
N SER A 52 9.86 18.69 -27.79
CA SER A 52 9.73 18.14 -26.44
C SER A 52 10.48 18.99 -25.42
N PHE A 53 11.72 19.43 -25.76
CA PHE A 53 12.52 20.29 -24.89
C PHE A 53 11.93 21.68 -24.80
N TYR A 54 11.39 22.20 -25.93
CA TYR A 54 10.75 23.51 -25.94
C TYR A 54 9.55 23.52 -24.96
N LEU A 55 8.68 22.47 -25.03
CA LEU A 55 7.50 22.34 -24.16
C LEU A 55 7.89 22.25 -22.69
N ARG A 56 8.98 21.52 -22.39
CA ARG A 56 9.50 21.36 -21.02
C ARG A 56 10.10 22.68 -20.50
N PHE A 57 10.88 23.40 -21.35
CA PHE A 57 11.50 24.66 -20.96
C PHE A 57 10.49 25.83 -20.91
N ARG A 58 9.42 25.78 -21.73
CA ARG A 58 8.35 26.79 -21.73
C ARG A 58 7.68 26.83 -20.35
N ARG A 59 7.35 25.64 -19.77
CA ARG A 59 6.75 25.48 -18.44
C ARG A 59 7.66 26.08 -17.36
N GLU A 60 8.98 25.79 -17.45
CA GLU A 60 10.02 26.25 -16.53
C GLU A 60 10.08 27.78 -16.50
N ALA A 61 10.03 28.45 -17.67
CA ALA A 61 10.03 29.91 -17.78
C ALA A 61 8.76 30.48 -17.15
N GLN A 62 7.59 29.87 -17.44
CA GLN A 62 6.29 30.25 -16.89
C GLN A 62 6.19 30.05 -15.37
N ASN A 63 6.93 29.07 -14.81
CA ASN A 63 6.91 28.74 -13.37
C ASN A 63 8.03 29.38 -12.55
N ALA A 64 8.95 30.10 -13.19
CA ALA A 64 10.07 30.75 -12.48
C ALA A 64 9.52 31.85 -11.59
N ALA A 65 9.61 31.61 -10.28
CA ALA A 65 9.12 32.52 -9.22
C ALA A 65 9.99 33.74 -9.09
N ALA A 66 9.36 34.90 -9.01
CA ALA A 66 10.05 36.17 -8.82
C ALA A 66 9.89 36.61 -7.37
N LEU A 67 10.90 36.29 -6.55
CA LEU A 67 10.97 36.64 -5.14
C LEU A 67 12.05 37.70 -4.98
N ASN A 68 11.76 38.78 -4.23
CA ASN A 68 12.71 39.86 -3.99
C ASN A 68 13.24 39.76 -2.56
N HIS A 69 14.47 39.25 -2.41
CA HIS A 69 15.16 39.04 -1.14
C HIS A 69 16.68 39.02 -1.42
N PRO A 70 17.55 39.57 -0.53
CA PRO A 70 19.00 39.55 -0.82
C PRO A 70 19.65 38.15 -0.88
N ALA A 71 19.04 37.13 -0.26
CA ALA A 71 19.57 35.77 -0.29
C ALA A 71 18.92 34.85 -1.33
N ILE A 72 18.13 35.45 -2.25
CA ILE A 72 17.43 34.74 -3.33
C ILE A 72 17.84 35.34 -4.67
N VAL A 73 18.18 34.50 -5.66
CA VAL A 73 18.48 34.95 -7.02
C VAL A 73 17.15 35.47 -7.60
N ALA A 74 17.12 36.77 -7.90
CA ALA A 74 15.93 37.43 -8.43
C ALA A 74 15.65 37.04 -9.87
N VAL A 75 14.37 36.95 -10.23
CA VAL A 75 13.93 36.70 -11.59
C VAL A 75 13.30 38.02 -12.03
N TYR A 76 13.98 38.71 -12.95
CA TYR A 76 13.54 40.02 -13.42
C TYR A 76 12.54 39.95 -14.53
N ASP A 77 12.66 38.95 -15.40
CA ASP A 77 11.81 38.83 -16.58
C ASP A 77 11.85 37.42 -17.12
N THR A 78 10.83 37.08 -17.90
CA THR A 78 10.71 35.84 -18.64
C THR A 78 10.12 36.23 -19.99
N GLY A 79 10.37 35.40 -20.98
CA GLY A 79 9.86 35.66 -22.32
C GLY A 79 10.22 34.56 -23.27
N GLU A 80 9.91 34.79 -24.55
CA GLU A 80 10.19 33.87 -25.64
C GLU A 80 10.68 34.66 -26.83
N ALA A 81 11.92 34.38 -27.25
CA ALA A 81 12.52 35.06 -28.38
C ALA A 81 12.15 34.33 -29.67
N GLU A 82 11.64 35.07 -30.65
CA GLU A 82 11.31 34.50 -31.95
C GLU A 82 12.60 34.41 -32.78
N THR A 83 13.40 33.35 -32.49
CA THR A 83 14.70 32.99 -33.06
C THR A 83 14.51 32.42 -34.48
N PRO A 84 15.42 32.65 -35.47
CA PRO A 84 15.24 32.06 -36.81
C PRO A 84 15.17 30.52 -36.80
N ALA A 85 15.50 29.88 -35.67
CA ALA A 85 15.44 28.42 -35.48
C ALA A 85 14.20 27.99 -34.65
N GLY A 86 13.25 28.93 -34.44
CA GLY A 86 12.01 28.70 -33.71
C GLY A 86 11.83 29.51 -32.43
N PRO A 87 10.83 29.19 -31.57
CA PRO A 87 10.68 29.95 -30.31
C PRO A 87 11.67 29.49 -29.24
N LEU A 88 12.31 30.44 -28.55
CA LEU A 88 13.31 30.15 -27.52
C LEU A 88 12.92 30.78 -26.17
N PRO A 89 12.45 29.97 -25.20
CA PRO A 89 12.05 30.53 -23.91
C PRO A 89 13.26 30.92 -23.07
N TYR A 90 13.14 32.00 -22.29
CA TYR A 90 14.26 32.47 -21.48
C TYR A 90 13.83 33.03 -20.14
N ILE A 91 14.71 32.89 -19.15
CA ILE A 91 14.53 33.40 -17.80
C ILE A 91 15.67 34.39 -17.53
N VAL A 92 15.31 35.65 -17.25
CA VAL A 92 16.25 36.72 -16.94
C VAL A 92 16.39 36.78 -15.43
N MET A 93 17.60 36.56 -14.94
CA MET A 93 17.90 36.49 -13.51
C MET A 93 18.92 37.51 -13.08
N GLU A 94 19.04 37.67 -11.77
CA GLU A 94 20.04 38.47 -11.12
C GLU A 94 21.38 37.73 -11.38
N TYR A 95 22.36 38.43 -11.97
CA TYR A 95 23.68 37.86 -12.24
C TYR A 95 24.45 37.67 -10.95
N VAL A 96 24.89 36.44 -10.70
CA VAL A 96 25.70 36.10 -9.53
C VAL A 96 27.11 35.78 -10.00
N ASP A 97 28.07 36.65 -9.66
CA ASP A 97 29.48 36.46 -9.99
C ASP A 97 30.05 35.60 -8.86
N GLY A 98 30.04 34.29 -9.07
CA GLY A 98 30.51 33.34 -8.09
C GLY A 98 30.35 31.89 -8.50
N VAL A 99 30.27 30.99 -7.51
CA VAL A 99 30.19 29.54 -7.70
C VAL A 99 29.12 28.90 -6.81
N THR A 100 28.65 27.70 -7.17
CA THR A 100 27.66 26.96 -6.38
C THR A 100 28.35 26.33 -5.16
N LEU A 101 27.57 25.86 -4.16
CA LEU A 101 28.15 25.17 -3.00
C LEU A 101 28.72 23.82 -3.45
N ARG A 102 28.12 23.23 -4.51
CA ARG A 102 28.53 21.98 -5.14
C ARG A 102 29.98 22.11 -5.64
N ASP A 103 30.31 23.26 -6.28
CA ASP A 103 31.64 23.59 -6.80
C ASP A 103 32.67 23.74 -5.69
N ILE A 104 32.30 24.42 -4.57
CA ILE A 104 33.17 24.66 -3.42
C ILE A 104 33.51 23.34 -2.71
N VAL A 105 32.51 22.48 -2.42
CA VAL A 105 32.73 21.17 -1.77
C VAL A 105 33.63 20.27 -2.65
N HIS A 106 33.46 20.34 -3.99
CA HIS A 106 34.23 19.56 -4.95
C HIS A 106 35.70 20.01 -5.09
N THR A 107 35.95 21.34 -5.16
CA THR A 107 37.30 21.90 -5.35
C THR A 107 38.04 22.25 -4.05
N GLU A 108 37.38 23.04 -3.16
CA GLU A 108 37.95 23.50 -1.89
C GLU A 108 37.87 22.47 -0.77
N GLY A 109 36.87 21.59 -0.84
CA GLY A 109 36.63 20.57 0.18
C GLY A 109 35.67 21.04 1.25
N PRO A 110 35.75 20.52 2.50
CA PRO A 110 34.82 20.97 3.55
C PRO A 110 35.14 22.37 4.07
N MET A 111 34.09 23.19 4.26
CA MET A 111 34.16 24.55 4.78
C MET A 111 34.52 24.56 6.27
N THR A 112 34.97 25.73 6.77
CA THR A 112 35.28 25.92 8.19
C THR A 112 33.94 25.98 8.95
N PRO A 113 33.84 25.57 10.23
CA PRO A 113 32.53 25.60 10.93
C PRO A 113 31.84 26.97 10.91
N LYS A 114 32.61 28.07 11.11
CA LYS A 114 32.10 29.45 11.13
C LYS A 114 31.43 29.87 9.81
N ARG A 115 32.11 29.66 8.66
CA ARG A 115 31.60 30.00 7.32
C ARG A 115 30.40 29.14 6.95
N ALA A 116 30.49 27.81 7.17
CA ALA A 116 29.44 26.85 6.88
C ALA A 116 28.13 27.23 7.61
N ILE A 117 28.25 27.69 8.88
CA ILE A 117 27.12 28.15 9.68
C ILE A 117 26.49 29.43 9.06
N GLU A 118 27.34 30.43 8.73
CA GLU A 118 26.93 31.71 8.11
C GLU A 118 26.21 31.51 6.78
N VAL A 119 26.68 30.53 5.96
CA VAL A 119 26.13 30.19 4.65
C VAL A 119 24.70 29.64 4.82
N ILE A 120 24.55 28.63 5.69
CA ILE A 120 23.29 27.96 5.98
C ILE A 120 22.30 28.88 6.72
N ALA A 121 22.79 29.78 7.61
CA ALA A 121 21.95 30.75 8.31
C ALA A 121 21.33 31.73 7.31
N ASP A 122 22.11 32.19 6.31
CA ASP A 122 21.61 33.06 5.26
C ASP A 122 20.63 32.32 4.35
N ALA A 123 20.86 31.00 4.10
CA ALA A 123 19.98 30.15 3.30
C ALA A 123 18.64 29.97 4.01
N CYS A 124 18.65 29.90 5.37
CA CYS A 124 17.46 29.81 6.23
C CYS A 124 16.59 31.04 6.05
N GLN A 125 17.22 32.23 5.96
CA GLN A 125 16.55 33.52 5.75
C GLN A 125 15.80 33.52 4.43
N ALA A 126 16.44 33.00 3.37
CA ALA A 126 15.87 32.87 2.02
C ALA A 126 14.66 31.94 2.04
N LEU A 127 14.78 30.78 2.74
CA LEU A 127 13.71 29.79 2.86
C LEU A 127 12.54 30.33 3.67
N ASN A 128 12.84 31.06 4.77
CA ASN A 128 11.83 31.71 5.61
C ASN A 128 10.97 32.66 4.77
N PHE A 129 11.62 33.53 3.96
CA PHE A 129 10.95 34.50 3.09
C PHE A 129 10.09 33.79 2.05
N SER A 130 10.62 32.70 1.45
CA SER A 130 9.94 31.86 0.47
C SER A 130 8.66 31.25 1.10
N HIS A 131 8.79 30.70 2.32
CA HIS A 131 7.68 30.10 3.07
C HIS A 131 6.62 31.13 3.43
N GLN A 132 7.05 32.39 3.71
CA GLN A 132 6.18 33.52 4.01
C GLN A 132 5.42 33.97 2.76
N ASN A 133 5.90 33.55 1.58
CA ASN A 133 5.29 33.83 0.29
C ASN A 133 4.53 32.62 -0.25
N GLY A 134 4.35 31.61 0.61
CA GLY A 134 3.62 30.37 0.31
C GLY A 134 4.34 29.39 -0.60
N ILE A 135 5.68 29.50 -0.68
CA ILE A 135 6.49 28.64 -1.55
C ILE A 135 7.44 27.74 -0.76
N ILE A 136 7.27 26.43 -0.94
CA ILE A 136 8.18 25.39 -0.46
C ILE A 136 9.18 25.24 -1.62
N HIS A 137 10.48 25.29 -1.33
CA HIS A 137 11.52 25.16 -2.36
C HIS A 137 11.44 23.78 -3.02
N ARG A 138 11.48 22.70 -2.20
CA ARG A 138 11.40 21.27 -2.58
C ARG A 138 12.67 20.66 -3.18
N ASP A 139 13.63 21.50 -3.59
CA ASP A 139 14.87 21.03 -4.23
C ASP A 139 16.13 21.71 -3.67
N VAL A 140 16.20 21.81 -2.33
CA VAL A 140 17.36 22.40 -1.64
C VAL A 140 18.53 21.42 -1.74
N LYS A 141 19.59 21.87 -2.40
CA LYS A 141 20.80 21.10 -2.64
C LYS A 141 21.99 22.06 -2.84
N PRO A 142 23.26 21.60 -2.68
CA PRO A 142 24.40 22.51 -2.87
C PRO A 142 24.46 23.25 -4.21
N ALA A 143 23.99 22.61 -5.30
CA ALA A 143 23.96 23.21 -6.64
C ALA A 143 22.99 24.40 -6.76
N ASN A 144 21.96 24.46 -5.88
CA ASN A 144 20.97 25.53 -5.87
C ASN A 144 21.31 26.70 -4.92
N ILE A 145 22.53 26.69 -4.37
CA ILE A 145 23.02 27.75 -3.50
C ILE A 145 24.34 28.24 -4.09
N MET A 146 24.41 29.55 -4.40
CA MET A 146 25.60 30.19 -4.93
C MET A 146 26.23 31.14 -3.90
N ILE A 147 27.56 31.29 -3.97
CA ILE A 147 28.35 32.20 -3.14
C ILE A 147 29.00 33.19 -4.09
N SER A 148 28.71 34.50 -3.90
CA SER A 148 29.25 35.57 -4.75
C SER A 148 30.69 35.96 -4.42
N ALA A 149 31.28 36.90 -5.20
CA ALA A 149 32.64 37.43 -5.02
C ALA A 149 32.72 38.24 -3.72
N THR A 150 31.59 38.83 -3.29
CA THR A 150 31.45 39.60 -2.04
C THR A 150 30.95 38.68 -0.89
N ASN A 151 31.02 37.35 -1.11
CA ASN A 151 30.65 36.26 -0.20
C ASN A 151 29.15 36.19 0.13
N ALA A 152 28.30 36.83 -0.68
CA ALA A 152 26.85 36.82 -0.49
C ALA A 152 26.26 35.45 -0.87
N VAL A 153 25.38 34.93 -0.01
CA VAL A 153 24.67 33.66 -0.22
C VAL A 153 23.47 33.94 -1.11
N LYS A 154 23.30 33.15 -2.19
CA LYS A 154 22.21 33.33 -3.16
C LYS A 154 21.56 31.99 -3.50
N VAL A 155 20.35 31.77 -2.98
CA VAL A 155 19.58 30.56 -3.21
C VAL A 155 18.77 30.75 -4.49
N MET A 156 18.78 29.73 -5.35
CA MET A 156 18.06 29.75 -6.63
C MET A 156 17.11 28.56 -6.78
N ASP A 157 16.35 28.55 -7.88
CA ASP A 157 15.39 27.52 -8.29
C ASP A 157 14.19 27.39 -7.35
N PHE A 158 13.48 28.51 -7.14
CA PHE A 158 12.24 28.50 -6.38
C PHE A 158 11.13 28.44 -7.43
N GLY A 159 10.10 27.64 -7.19
CA GLY A 159 8.98 27.55 -8.12
C GLY A 159 7.77 28.34 -7.68
N ILE A 160 6.86 28.69 -8.63
CA ILE A 160 5.62 29.40 -8.27
C ILE A 160 4.73 28.40 -7.56
N ALA A 161 4.43 28.67 -6.29
CA ALA A 161 3.64 27.76 -5.49
C ALA A 161 2.63 28.48 -4.62
N ARG A 162 1.45 27.84 -4.42
CA ARG A 162 0.34 28.36 -3.62
C ARG A 162 -0.55 27.23 -3.12
N ASN A 169 -5.49 28.86 -14.60
CA ASN A 169 -4.88 27.58 -14.91
C ASN A 169 -3.39 27.55 -14.51
N SER A 170 -3.04 26.70 -13.53
CA SER A 170 -1.66 26.57 -13.06
C SER A 170 -0.86 25.59 -13.92
N VAL A 171 0.40 25.94 -14.20
CA VAL A 171 1.32 25.17 -15.03
C VAL A 171 1.92 24.00 -14.20
N TPO A 172 2.06 22.81 -14.83
CA TPO A 172 2.57 21.59 -14.21
CB TPO A 172 2.27 20.30 -15.02
CG2 TPO A 172 2.42 18.99 -14.21
OG1 TPO A 172 0.90 20.33 -15.48
P TPO A 172 0.73 20.47 -16.99
O1P TPO A 172 1.34 21.77 -17.53
O2P TPO A 172 -0.77 20.52 -17.29
O3P TPO A 172 1.35 19.28 -17.71
C TPO A 172 4.05 21.69 -13.86
O TPO A 172 4.85 22.20 -14.64
N GLN A 173 4.41 21.17 -12.67
CA GLN A 173 5.78 21.15 -12.17
C GLN A 173 6.38 19.75 -12.32
N TPO A 174 7.70 19.68 -12.48
CA TPO A 174 8.42 18.42 -12.64
CB TPO A 174 9.76 18.57 -13.39
CG2 TPO A 174 9.51 18.39 -14.88
OG1 TPO A 174 10.35 19.87 -13.24
P TPO A 174 11.61 19.93 -12.33
O1P TPO A 174 12.45 21.07 -12.93
O2P TPO A 174 11.18 20.33 -10.91
O3P TPO A 174 12.47 18.65 -12.28
C TPO A 174 8.57 17.70 -11.29
O TPO A 174 8.45 18.35 -10.25
N ALA A 175 8.80 16.38 -11.32
CA ALA A 175 8.98 15.58 -10.11
C ALA A 175 10.38 15.84 -9.53
N ALA A 176 10.46 16.28 -8.27
CA ALA A 176 11.71 16.58 -7.56
C ALA A 176 12.49 15.30 -7.19
N VAL A 177 11.77 14.17 -7.17
CA VAL A 177 12.23 12.81 -6.83
C VAL A 177 13.38 12.33 -7.75
N ILE A 178 13.40 12.76 -9.03
CA ILE A 178 14.45 12.38 -9.98
C ILE A 178 15.79 13.05 -9.61
N GLY A 179 16.88 12.30 -9.76
CA GLY A 179 18.24 12.75 -9.43
C GLY A 179 19.03 11.78 -8.57
N THR A 180 20.00 12.32 -7.81
CA THR A 180 20.89 11.57 -6.91
C THR A 180 20.22 11.10 -5.61
N ALA A 181 19.08 11.74 -5.24
CA ALA A 181 18.25 11.48 -4.04
C ALA A 181 18.93 11.79 -2.70
N GLN A 182 20.19 12.28 -2.74
CA GLN A 182 21.00 12.60 -1.55
C GLN A 182 20.44 13.74 -0.69
N TYR A 183 19.56 14.58 -1.27
CA TYR A 183 18.97 15.72 -0.57
C TYR A 183 17.45 15.61 -0.45
N LEU A 184 16.89 14.43 -0.74
CA LEU A 184 15.46 14.20 -0.61
C LEU A 184 15.12 13.95 0.84
N SER A 185 13.99 14.51 1.29
CA SER A 185 13.49 14.30 2.64
C SER A 185 12.80 12.92 2.66
N PRO A 186 12.63 12.24 3.83
CA PRO A 186 11.94 10.94 3.81
C PRO A 186 10.55 10.99 3.17
N GLU A 187 9.76 12.05 3.48
CA GLU A 187 8.40 12.27 2.97
C GLU A 187 8.33 12.43 1.45
N GLN A 188 9.35 13.06 0.84
CA GLN A 188 9.45 13.24 -0.61
C GLN A 188 9.72 11.91 -1.31
N ALA A 189 10.63 11.09 -0.74
CA ALA A 189 10.99 9.77 -1.25
C ALA A 189 9.82 8.80 -1.19
N ARG A 190 8.99 8.92 -0.14
CA ARG A 190 7.84 8.06 0.10
C ARG A 190 6.54 8.50 -0.59
N GLY A 191 6.41 9.79 -0.91
CA GLY A 191 5.21 10.34 -1.50
C GLY A 191 4.21 10.78 -0.44
N ASP A 192 4.70 11.02 0.79
CA ASP A 192 3.91 11.51 1.91
C ASP A 192 3.70 13.02 1.74
N SER A 193 2.94 13.65 2.65
CA SER A 193 2.69 15.10 2.62
C SER A 193 3.99 15.87 2.78
N VAL A 194 4.14 16.95 2.00
CA VAL A 194 5.33 17.78 2.02
C VAL A 194 4.97 19.19 2.48
N ASP A 195 5.66 19.67 3.52
CA ASP A 195 5.53 21.01 4.08
C ASP A 195 6.92 21.68 4.16
N ALA A 196 7.03 22.86 4.80
CA ALA A 196 8.29 23.60 4.92
C ALA A 196 9.42 22.85 5.64
N ARG A 197 9.07 21.87 6.50
CA ARG A 197 10.04 21.06 7.24
C ARG A 197 10.85 20.13 6.35
N SER A 198 10.41 19.97 5.09
CA SER A 198 11.10 19.18 4.07
C SER A 198 12.33 19.97 3.63
N ASP A 199 12.18 21.31 3.54
CA ASP A 199 13.27 22.23 3.18
C ASP A 199 14.26 22.32 4.32
N VAL A 200 13.77 22.19 5.57
CA VAL A 200 14.57 22.17 6.80
C VAL A 200 15.50 20.96 6.75
N TYR A 201 14.94 19.76 6.41
CA TYR A 201 15.66 18.50 6.27
C TYR A 201 16.74 18.58 5.19
N SER A 202 16.36 19.03 3.99
CA SER A 202 17.24 19.17 2.83
C SER A 202 18.37 20.15 3.09
N LEU A 203 18.09 21.26 3.80
CA LEU A 203 19.12 22.24 4.16
C LEU A 203 20.09 21.63 5.19
N GLY A 204 19.57 20.73 6.01
CA GLY A 204 20.35 19.96 6.99
C GLY A 204 21.36 19.08 6.28
N CYS A 205 20.94 18.45 5.15
CA CYS A 205 21.77 17.63 4.27
C CYS A 205 22.92 18.46 3.67
N VAL A 206 22.59 19.71 3.25
CA VAL A 206 23.54 20.68 2.67
C VAL A 206 24.54 21.11 3.76
N LEU A 207 24.03 21.42 4.98
CA LEU A 207 24.83 21.81 6.15
C LEU A 207 25.80 20.67 6.52
N TYR A 208 25.33 19.42 6.45
CA TYR A 208 26.12 18.22 6.72
C TYR A 208 27.30 18.12 5.74
N GLU A 209 27.03 18.34 4.43
CA GLU A 209 28.03 18.28 3.37
C GLU A 209 29.07 19.38 3.44
N VAL A 210 28.67 20.63 3.73
CA VAL A 210 29.63 21.73 3.82
C VAL A 210 30.54 21.60 5.07
N LEU A 211 30.05 20.88 6.11
CA LEU A 211 30.81 20.63 7.34
C LEU A 211 31.74 19.42 7.26
N THR A 212 31.27 18.29 6.69
CA THR A 212 32.03 17.04 6.60
C THR A 212 32.77 16.83 5.28
N GLY A 213 32.18 17.33 4.18
CA GLY A 213 32.74 17.19 2.84
C GLY A 213 31.98 16.16 2.00
N GLU A 214 30.98 15.51 2.62
CA GLU A 214 30.14 14.48 2.02
C GLU A 214 28.68 14.59 2.51
N PRO A 215 27.66 14.20 1.71
CA PRO A 215 26.26 14.27 2.22
C PRO A 215 25.99 13.19 3.29
N PRO A 216 24.90 13.30 4.11
CA PRO A 216 24.69 12.29 5.17
C PRO A 216 24.52 10.84 4.69
N PHE A 217 23.93 10.63 3.50
CA PHE A 217 23.70 9.31 2.95
C PHE A 217 24.17 9.18 1.51
N THR A 218 24.92 8.10 1.24
CA THR A 218 25.48 7.78 -0.08
C THR A 218 25.19 6.32 -0.42
N GLY A 219 24.99 6.04 -1.70
CA GLY A 219 24.69 4.70 -2.20
C GLY A 219 24.87 4.53 -3.70
N ASP A 220 24.90 3.27 -4.15
CA ASP A 220 25.08 2.89 -5.56
C ASP A 220 23.85 3.21 -6.41
N SER A 221 22.66 3.31 -5.79
CA SER A 221 21.40 3.61 -6.48
C SER A 221 20.58 4.67 -5.71
N PRO A 222 19.69 5.45 -6.39
CA PRO A 222 18.88 6.43 -5.65
C PRO A 222 17.90 5.78 -4.67
N VAL A 223 17.51 4.50 -4.92
CA VAL A 223 16.61 3.70 -4.06
C VAL A 223 17.30 3.45 -2.70
N SER A 224 18.60 3.08 -2.74
CA SER A 224 19.42 2.80 -1.56
C SER A 224 19.58 4.05 -0.69
N VAL A 225 19.77 5.22 -1.32
CA VAL A 225 19.91 6.52 -0.65
C VAL A 225 18.57 6.92 -0.02
N ALA A 226 17.45 6.76 -0.77
CA ALA A 226 16.09 7.06 -0.30
C ALA A 226 15.72 6.19 0.90
N TYR A 227 16.14 4.90 0.88
CA TYR A 227 15.95 3.92 1.94
C TYR A 227 16.64 4.41 3.21
N GLN A 228 17.91 4.87 3.06
CA GLN A 228 18.74 5.41 4.14
C GLN A 228 18.10 6.66 4.76
N HIS A 229 17.56 7.58 3.92
CA HIS A 229 16.88 8.79 4.38
C HIS A 229 15.69 8.44 5.27
N VAL A 230 14.96 7.36 4.91
CA VAL A 230 13.76 6.91 5.60
C VAL A 230 14.08 6.10 6.88
N ARG A 231 14.98 5.10 6.80
CA ARG A 231 15.24 4.20 7.93
C ARG A 231 16.60 4.34 8.63
N GLU A 232 17.72 4.51 7.88
CA GLU A 232 19.05 4.58 8.49
C GLU A 232 19.32 5.92 9.17
N ASP A 233 19.79 5.87 10.42
CA ASP A 233 20.13 7.08 11.19
C ASP A 233 21.47 7.67 10.71
N PRO A 234 21.58 9.02 10.56
CA PRO A 234 22.84 9.59 10.09
C PRO A 234 23.94 9.60 11.16
N ILE A 235 25.20 9.47 10.71
CA ILE A 235 26.39 9.48 11.56
C ILE A 235 26.60 10.94 12.03
N PRO A 236 26.86 11.21 13.33
CA PRO A 236 27.08 12.60 13.77
C PRO A 236 28.23 13.28 13.01
N PRO A 237 28.08 14.57 12.61
CA PRO A 237 29.14 15.24 11.83
C PRO A 237 30.56 15.20 12.41
N SER A 238 30.70 15.21 13.75
CA SER A 238 31.98 15.14 14.47
C SER A 238 32.71 13.82 14.22
N ALA A 239 31.96 12.71 14.08
CA ALA A 239 32.50 11.37 13.82
C ALA A 239 33.01 11.22 12.38
N ARG A 240 32.54 12.07 11.45
CA ARG A 240 32.92 12.07 10.04
C ARG A 240 34.03 13.08 9.71
N HIS A 241 34.09 14.19 10.47
CA HIS A 241 35.07 15.27 10.29
C HIS A 241 35.49 15.88 11.63
N GLU A 242 36.81 16.08 11.82
CA GLU A 242 37.41 16.64 13.03
C GLU A 242 37.07 18.13 13.22
N GLY A 243 37.14 18.58 14.47
CA GLY A 243 36.89 19.96 14.87
C GLY A 243 35.45 20.42 14.76
N LEU A 244 34.49 19.55 15.11
CA LEU A 244 33.06 19.90 15.06
C LEU A 244 32.41 19.67 16.43
N SER A 245 31.93 20.77 17.05
CA SER A 245 31.32 20.79 18.38
C SER A 245 30.03 19.97 18.50
N ALA A 246 29.71 19.55 19.74
CA ALA A 246 28.50 18.77 20.08
C ALA A 246 27.23 19.60 19.89
N ASP A 247 27.32 20.94 20.11
CA ASP A 247 26.23 21.89 19.94
C ASP A 247 25.87 22.02 18.46
N LEU A 248 26.89 22.02 17.58
CA LEU A 248 26.73 22.08 16.12
C LEU A 248 26.18 20.74 15.62
N ASP A 249 26.63 19.62 16.23
CA ASP A 249 26.19 18.26 15.93
C ASP A 249 24.70 18.10 16.21
N ALA A 250 24.23 18.70 17.32
CA ALA A 250 22.83 18.68 17.76
C ALA A 250 21.92 19.43 16.78
N VAL A 251 22.45 20.48 16.12
CA VAL A 251 21.72 21.30 15.14
C VAL A 251 21.50 20.50 13.85
N VAL A 252 22.58 19.93 13.27
CA VAL A 252 22.56 19.12 12.04
C VAL A 252 21.65 17.90 12.21
N LEU A 253 21.78 17.17 13.32
CA LEU A 253 20.99 15.97 13.60
C LEU A 253 19.51 16.25 13.90
N LYS A 254 19.19 17.47 14.40
CA LYS A 254 17.79 17.85 14.66
C LYS A 254 17.11 18.14 13.31
N ALA A 255 17.80 18.83 12.39
CA ALA A 255 17.32 19.15 11.05
C ALA A 255 17.11 17.87 10.22
N LEU A 256 17.96 16.85 10.48
CA LEU A 256 17.94 15.55 9.80
C LEU A 256 17.07 14.48 10.50
N ALA A 257 16.16 14.89 11.40
CA ALA A 257 15.26 13.95 12.09
C ALA A 257 14.29 13.31 11.10
N LYS A 258 13.93 12.04 11.32
CA LYS A 258 13.04 11.27 10.44
C LYS A 258 11.63 11.82 10.44
N ASN A 259 11.06 12.03 11.65
CA ASN A 259 9.73 12.58 11.82
C ASN A 259 9.83 14.11 11.72
N PRO A 260 9.04 14.78 10.82
CA PRO A 260 9.14 16.26 10.71
C PRO A 260 8.82 16.99 12.03
N GLU A 261 8.08 16.33 12.92
CA GLU A 261 7.68 16.78 14.26
C GLU A 261 8.90 17.06 15.15
N ASN A 262 10.00 16.29 14.97
CA ASN A 262 11.23 16.39 15.78
C ASN A 262 12.29 17.34 15.20
N ARG A 263 12.10 17.78 13.94
CA ARG A 263 12.99 18.72 13.25
C ARG A 263 12.70 20.13 13.74
N TYR A 264 13.38 21.12 13.15
CA TYR A 264 13.09 22.53 13.38
C TYR A 264 11.77 22.76 12.64
N GLN A 265 10.78 23.33 13.32
CA GLN A 265 9.45 23.52 12.75
C GLN A 265 9.40 24.63 11.71
N THR A 266 10.37 25.55 11.75
CA THR A 266 10.48 26.66 10.80
C THR A 266 11.95 26.80 10.41
N ALA A 267 12.22 27.47 9.27
CA ALA A 267 13.59 27.74 8.81
C ALA A 267 14.21 28.81 9.72
N ALA A 268 13.36 29.75 10.21
CA ALA A 268 13.74 30.84 11.11
C ALA A 268 14.23 30.30 12.46
N GLU A 269 13.65 29.17 12.89
CA GLU A 269 13.99 28.46 14.13
C GLU A 269 15.35 27.79 13.98
N MET A 270 15.63 27.26 12.79
CA MET A 270 16.88 26.59 12.45
C MET A 270 18.02 27.62 12.44
N ARG A 271 17.73 28.83 11.94
CA ARG A 271 18.66 29.96 11.87
C ARG A 271 19.07 30.45 13.26
N ALA A 272 18.10 30.56 14.18
CA ALA A 272 18.32 31.02 15.57
C ALA A 272 19.28 30.10 16.33
N ASP A 273 19.17 28.77 16.13
CA ASP A 273 20.04 27.78 16.75
C ASP A 273 21.44 27.84 16.17
N LEU A 274 21.55 28.10 14.84
CA LEU A 274 22.83 28.24 14.14
C LEU A 274 23.59 29.48 14.60
N VAL A 275 22.87 30.62 14.82
CA VAL A 275 23.42 31.89 15.31
C VAL A 275 23.92 31.71 16.76
N ARG A 276 23.20 30.89 17.57
CA ARG A 276 23.57 30.58 18.96
C ARG A 276 24.88 29.78 19.01
N VAL A 277 25.07 28.85 18.04
CA VAL A 277 26.28 28.03 17.92
C VAL A 277 27.44 28.93 17.41
N HIS A 278 27.13 29.84 16.46
CA HIS A 278 28.07 30.81 15.87
C HIS A 278 28.77 31.70 16.92
N ASN A 279 28.12 31.92 18.08
CA ASN A 279 28.66 32.70 19.20
C ASN A 279 29.73 31.91 19.94
N THR B 3 -15.37 11.62 5.82
CA THR B 3 -16.19 10.43 6.00
C THR B 3 -15.60 9.46 7.04
N THR B 4 -14.25 9.35 7.10
CA THR B 4 -13.52 8.49 8.03
C THR B 4 -12.86 9.35 9.11
N PRO B 5 -12.88 8.94 10.41
CA PRO B 5 -12.22 9.76 11.43
C PRO B 5 -10.69 9.63 11.40
N SER B 6 -9.98 10.63 11.93
CA SER B 6 -8.52 10.63 12.03
C SER B 6 -8.07 9.70 13.15
N HIS B 7 -8.90 9.61 14.21
CA HIS B 7 -8.66 8.78 15.40
C HIS B 7 -9.85 7.84 15.65
N LEU B 8 -9.56 6.60 16.08
CA LEU B 8 -10.59 5.62 16.43
C LEU B 8 -10.59 5.57 17.95
N SER B 9 -11.71 6.02 18.55
CA SER B 9 -11.92 6.16 20.00
C SER B 9 -11.07 7.35 20.49
N ASP B 10 -9.84 7.09 21.01
CA ASP B 10 -8.92 8.12 21.52
C ASP B 10 -7.47 7.61 21.58
N ARG B 11 -7.24 6.32 21.26
CA ARG B 11 -5.89 5.76 21.29
C ARG B 11 -5.35 5.29 19.94
N TYR B 12 -6.20 5.24 18.89
CA TYR B 12 -5.74 4.76 17.59
C TYR B 12 -5.77 5.82 16.49
N GLU B 13 -4.63 6.50 16.29
CA GLU B 13 -4.48 7.55 15.27
C GLU B 13 -4.15 6.87 13.94
N LEU B 14 -5.08 6.94 12.98
CA LEU B 14 -4.93 6.30 11.66
C LEU B 14 -4.01 7.05 10.72
N GLY B 15 -3.16 6.28 10.04
CA GLY B 15 -2.21 6.78 9.04
C GLY B 15 -2.56 6.25 7.68
N GLU B 16 -1.53 5.87 6.90
CA GLU B 16 -1.68 5.34 5.54
C GLU B 16 -2.36 3.98 5.48
N ILE B 17 -2.96 3.65 4.32
CA ILE B 17 -3.58 2.35 4.09
C ILE B 17 -2.48 1.39 3.62
N LEU B 18 -2.35 0.26 4.32
CA LEU B 18 -1.37 -0.78 4.02
C LEU B 18 -1.87 -1.75 2.92
N GLY B 19 -3.17 -2.09 2.95
CA GLY B 19 -3.79 -3.00 2.00
C GLY B 19 -5.29 -3.13 2.15
N PHE B 20 -5.92 -3.90 1.23
CA PHE B 20 -7.36 -4.13 1.18
C PHE B 20 -7.72 -5.59 1.16
N GLY B 21 -8.77 -5.94 1.88
CA GLY B 21 -9.32 -7.30 1.93
C GLY B 21 -10.54 -7.39 1.05
N GLY B 22 -11.56 -8.10 1.53
CA GLY B 22 -12.84 -8.25 0.82
C GLY B 22 -13.72 -7.03 0.99
N MET B 23 -14.07 -6.72 2.25
CA MET B 23 -14.91 -5.56 2.63
C MET B 23 -14.11 -4.62 3.53
N SER B 24 -12.84 -4.93 3.74
CA SER B 24 -11.98 -4.19 4.64
C SER B 24 -10.80 -3.45 4.00
N GLU B 25 -10.19 -2.58 4.78
CA GLU B 25 -8.95 -1.86 4.51
C GLU B 25 -8.15 -1.86 5.80
N VAL B 26 -6.83 -1.94 5.67
CA VAL B 26 -5.93 -2.02 6.81
C VAL B 26 -5.07 -0.79 6.82
N HIS B 27 -5.13 -0.02 7.92
CA HIS B 27 -4.36 1.20 8.08
C HIS B 27 -3.20 0.97 9.01
N LEU B 28 -2.10 1.67 8.76
CA LEU B 28 -0.96 1.71 9.66
C LEU B 28 -1.43 2.76 10.68
N ALA B 29 -1.37 2.42 11.96
CA ALA B 29 -1.84 3.34 13.00
C ALA B 29 -0.86 3.44 14.16
N ARG B 30 -1.01 4.48 14.96
CA ARG B 30 -0.21 4.69 16.14
C ARG B 30 -1.09 4.42 17.35
N ASP B 31 -0.65 3.51 18.24
CA ASP B 31 -1.31 3.17 19.50
C ASP B 31 -0.78 4.21 20.47
N LEU B 32 -1.58 5.26 20.70
CA LEU B 32 -1.24 6.40 21.57
C LEU B 32 -1.11 6.05 23.05
N ARG B 33 -1.65 4.89 23.48
CA ARG B 33 -1.57 4.43 24.87
C ARG B 33 -0.29 3.63 25.09
N GLU B 34 -0.06 2.57 24.28
CA GLU B 34 1.10 1.68 24.38
C GLU B 34 2.37 2.22 23.70
N HIS B 35 2.23 3.35 22.96
CA HIS B 35 3.29 4.04 22.20
C HIS B 35 3.99 3.09 21.21
N ARG B 36 3.19 2.47 20.35
CA ARG B 36 3.65 1.52 19.34
C ARG B 36 2.89 1.65 18.01
N ASP B 37 3.48 1.15 16.92
CA ASP B 37 2.84 1.13 15.62
C ASP B 37 2.01 -0.14 15.54
N VAL B 38 0.77 -0.03 15.06
CA VAL B 38 -0.15 -1.15 14.91
C VAL B 38 -0.81 -1.12 13.53
N ALA B 39 -1.41 -2.24 13.12
CA ALA B 39 -2.17 -2.34 11.89
C ALA B 39 -3.63 -2.45 12.30
N VAL B 40 -4.47 -1.52 11.83
CA VAL B 40 -5.89 -1.53 12.19
C VAL B 40 -6.74 -1.90 10.98
N LYS B 41 -7.41 -3.06 11.06
CA LYS B 41 -8.30 -3.54 10.02
C LYS B 41 -9.66 -2.94 10.31
N VAL B 42 -10.18 -2.25 9.31
CA VAL B 42 -11.44 -1.56 9.44
C VAL B 42 -12.31 -1.81 8.21
N LEU B 43 -13.63 -1.66 8.35
CA LEU B 43 -14.56 -1.81 7.25
C LEU B 43 -14.30 -0.62 6.27
N ARG B 44 -14.30 -0.89 4.95
CA ARG B 44 -14.04 0.14 3.91
C ARG B 44 -14.97 1.32 4.09
N ALA B 45 -14.42 2.56 3.99
CA ALA B 45 -15.14 3.84 4.13
C ALA B 45 -16.40 3.94 3.27
N ASP B 46 -16.37 3.37 2.05
CA ASP B 46 -17.50 3.36 1.12
C ASP B 46 -18.61 2.38 1.53
N LEU B 47 -18.30 1.45 2.45
CA LEU B 47 -19.25 0.45 2.93
C LEU B 47 -19.75 0.71 4.36
N ALA B 48 -19.07 1.64 5.09
CA ALA B 48 -19.34 1.98 6.50
C ALA B 48 -20.79 2.32 6.82
N ARG B 49 -21.46 3.04 5.93
CA ARG B 49 -22.86 3.44 6.12
C ARG B 49 -23.86 2.33 5.76
N ASP B 50 -23.36 1.19 5.21
CA ASP B 50 -24.21 0.06 4.82
C ASP B 50 -24.44 -0.84 6.03
N PRO B 51 -25.70 -0.96 6.52
CA PRO B 51 -25.95 -1.81 7.69
C PRO B 51 -25.66 -3.30 7.52
N SER B 52 -25.66 -3.82 6.28
CA SER B 52 -25.35 -5.25 6.03
C SER B 52 -23.86 -5.51 6.21
N PHE B 53 -22.98 -4.63 5.70
CA PHE B 53 -21.53 -4.76 5.85
C PHE B 53 -21.10 -4.52 7.28
N TYR B 54 -21.76 -3.55 7.97
CA TYR B 54 -21.50 -3.27 9.39
C TYR B 54 -21.77 -4.53 10.22
N LEU B 55 -22.93 -5.19 10.01
CA LEU B 55 -23.32 -6.42 10.71
C LEU B 55 -22.34 -7.56 10.47
N ARG B 56 -21.87 -7.70 9.22
CA ARG B 56 -20.89 -8.73 8.83
C ARG B 56 -19.50 -8.45 9.45
N PHE B 57 -19.06 -7.17 9.43
CA PHE B 57 -17.76 -6.79 10.00
C PHE B 57 -17.77 -6.76 11.53
N ARG B 58 -18.94 -6.50 12.17
CA ARG B 58 -19.10 -6.51 13.62
C ARG B 58 -18.80 -7.93 14.16
N ARG B 59 -19.33 -8.97 13.48
CA ARG B 59 -19.11 -10.38 13.81
C ARG B 59 -17.64 -10.75 13.73
N GLU B 60 -16.96 -10.29 12.65
CA GLU B 60 -15.54 -10.50 12.37
C GLU B 60 -14.69 -9.90 13.49
N ALA B 61 -15.03 -8.65 13.91
CA ALA B 61 -14.36 -7.90 14.96
C ALA B 61 -14.55 -8.53 16.34
N GLN B 62 -15.81 -8.77 16.76
CA GLN B 62 -16.15 -9.38 18.06
C GLN B 62 -15.48 -10.74 18.29
N ASN B 63 -15.24 -11.52 17.20
CA ASN B 63 -14.63 -12.85 17.26
C ASN B 63 -13.41 -12.99 16.31
N ALA B 64 -12.23 -12.53 16.77
CA ALA B 64 -10.95 -12.59 16.03
C ALA B 64 -9.91 -13.18 17.00
N ALA B 65 -9.30 -14.34 16.64
CA ALA B 65 -8.39 -15.07 17.53
C ALA B 65 -7.09 -14.34 17.86
N ALA B 66 -6.80 -14.25 19.15
CA ALA B 66 -5.59 -13.64 19.67
C ALA B 66 -4.66 -14.77 20.14
N LEU B 67 -3.74 -15.18 19.24
CA LEU B 67 -2.73 -16.21 19.49
C LEU B 67 -1.38 -15.50 19.61
N ASN B 68 -0.57 -15.89 20.62
CA ASN B 68 0.75 -15.31 20.85
C ASN B 68 1.83 -16.30 20.39
N HIS B 69 2.42 -16.06 19.22
CA HIS B 69 3.46 -16.87 18.58
C HIS B 69 4.24 -15.98 17.60
N PRO B 70 5.58 -16.13 17.45
CA PRO B 70 6.31 -15.26 16.51
C PRO B 70 5.92 -15.42 15.03
N ALA B 71 5.36 -16.57 14.63
CA ALA B 71 4.95 -16.81 13.25
C ALA B 71 3.45 -16.56 12.99
N ILE B 72 2.75 -15.92 13.96
CA ILE B 72 1.32 -15.58 13.89
C ILE B 72 1.13 -14.06 14.13
N VAL B 73 0.26 -13.41 13.31
CA VAL B 73 -0.05 -12.00 13.46
C VAL B 73 -0.95 -11.83 14.70
N ALA B 74 -0.44 -11.14 15.72
CA ALA B 74 -1.15 -10.92 16.98
C ALA B 74 -2.36 -9.97 16.85
N VAL B 75 -3.42 -10.24 17.61
CA VAL B 75 -4.61 -9.39 17.67
C VAL B 75 -4.56 -8.80 19.08
N TYR B 76 -4.28 -7.50 19.17
CA TYR B 76 -4.14 -6.80 20.43
C TYR B 76 -5.44 -6.32 21.01
N ASP B 77 -6.37 -5.89 20.14
CA ASP B 77 -7.62 -5.30 20.58
C ASP B 77 -8.65 -5.30 19.47
N THR B 78 -9.91 -5.17 19.86
CA THR B 78 -11.06 -5.04 18.97
C THR B 78 -11.95 -3.99 19.61
N GLY B 79 -12.77 -3.33 18.80
CA GLY B 79 -13.68 -2.33 19.30
C GLY B 79 -14.55 -1.75 18.20
N GLU B 80 -15.30 -0.71 18.57
CA GLU B 80 -16.18 0.01 17.66
C GLU B 80 -16.05 1.49 17.93
N ALA B 81 -15.64 2.24 16.92
CA ALA B 81 -15.48 3.68 17.03
C ALA B 81 -16.80 4.36 16.73
N GLU B 82 -17.25 5.20 17.65
CA GLU B 82 -18.48 5.96 17.48
C GLU B 82 -18.14 7.20 16.69
N THR B 83 -18.12 7.05 15.37
CA THR B 83 -17.83 8.16 14.46
C THR B 83 -19.11 8.99 14.32
N PRO B 84 -19.07 10.29 13.94
CA PRO B 84 -20.32 11.04 13.75
C PRO B 84 -21.21 10.50 12.62
N ALA B 85 -20.66 9.60 11.75
CA ALA B 85 -21.36 8.97 10.63
C ALA B 85 -21.84 7.53 10.95
N GLY B 86 -21.71 7.14 12.21
CA GLY B 86 -22.14 5.82 12.68
C GLY B 86 -21.08 4.94 13.32
N PRO B 87 -21.43 3.68 13.66
CA PRO B 87 -20.44 2.81 14.29
C PRO B 87 -19.48 2.16 13.27
N LEU B 88 -18.19 2.14 13.60
CA LEU B 88 -17.14 1.56 12.75
C LEU B 88 -16.35 0.49 13.51
N PRO B 89 -16.57 -0.82 13.22
CA PRO B 89 -15.84 -1.87 13.94
C PRO B 89 -14.39 -1.97 13.45
N TYR B 90 -13.48 -2.29 14.38
CA TYR B 90 -12.07 -2.39 14.05
C TYR B 90 -11.34 -3.49 14.79
N ILE B 91 -10.31 -4.04 14.14
CA ILE B 91 -9.43 -5.08 14.67
C ILE B 91 -8.01 -4.48 14.70
N VAL B 92 -7.41 -4.42 15.90
CA VAL B 92 -6.06 -3.91 16.11
C VAL B 92 -5.12 -5.11 16.09
N MET B 93 -4.18 -5.09 15.16
CA MET B 93 -3.24 -6.18 14.94
C MET B 93 -1.79 -5.74 15.08
N GLU B 94 -0.90 -6.74 15.16
CA GLU B 94 0.54 -6.56 15.14
C GLU B 94 0.87 -6.04 13.72
N TYR B 95 1.54 -4.88 13.62
CA TYR B 95 1.94 -4.32 12.33
C TYR B 95 3.05 -5.13 11.72
N VAL B 96 2.84 -5.61 10.48
CA VAL B 96 3.83 -6.36 9.73
C VAL B 96 4.29 -5.50 8.56
N ASP B 97 5.55 -5.04 8.62
CA ASP B 97 6.16 -4.26 7.56
C ASP B 97 6.69 -5.25 6.52
N GLY B 98 5.85 -5.54 5.53
CA GLY B 98 6.19 -6.50 4.48
C GLY B 98 5.09 -6.72 3.47
N VAL B 99 5.14 -7.89 2.80
CA VAL B 99 4.22 -8.29 1.75
C VAL B 99 3.70 -9.72 1.94
N THR B 100 2.55 -10.03 1.31
CA THR B 100 1.96 -11.38 1.39
C THR B 100 2.72 -12.33 0.44
N LEU B 101 2.52 -13.66 0.58
CA LEU B 101 3.13 -14.61 -0.35
C LEU B 101 2.50 -14.46 -1.74
N ARG B 102 1.22 -14.03 -1.78
CA ARG B 102 0.44 -13.75 -2.99
C ARG B 102 1.15 -12.68 -3.82
N ASP B 103 1.64 -11.62 -3.15
CA ASP B 103 2.37 -10.49 -3.76
C ASP B 103 3.72 -10.93 -4.33
N ILE B 104 4.47 -11.78 -3.59
CA ILE B 104 5.78 -12.30 -4.00
C ILE B 104 5.66 -13.21 -5.24
N VAL B 105 4.72 -14.17 -5.24
CA VAL B 105 4.50 -15.07 -6.38
C VAL B 105 4.08 -14.26 -7.65
N HIS B 106 3.27 -13.21 -7.46
CA HIS B 106 2.80 -12.35 -8.54
C HIS B 106 3.88 -11.44 -9.14
N THR B 107 4.74 -10.83 -8.30
CA THR B 107 5.78 -9.89 -8.75
C THR B 107 7.16 -10.54 -8.99
N GLU B 108 7.67 -11.28 -7.98
CA GLU B 108 8.99 -11.94 -8.02
C GLU B 108 8.98 -13.28 -8.76
N GLY B 109 7.83 -13.94 -8.80
CA GLY B 109 7.66 -15.24 -9.44
C GLY B 109 7.90 -16.39 -8.49
N PRO B 110 8.32 -17.59 -8.98
CA PRO B 110 8.55 -18.71 -8.06
C PRO B 110 9.81 -18.55 -7.22
N MET B 111 9.71 -18.89 -5.92
CA MET B 111 10.80 -18.84 -4.94
C MET B 111 11.83 -19.94 -5.20
N THR B 112 13.05 -19.77 -4.65
CA THR B 112 14.11 -20.78 -4.73
C THR B 112 13.71 -21.94 -3.81
N PRO B 113 14.10 -23.21 -4.08
CA PRO B 113 13.68 -24.32 -3.20
C PRO B 113 14.02 -24.11 -1.72
N LYS B 114 15.22 -23.57 -1.41
CA LYS B 114 15.70 -23.31 -0.05
C LYS B 114 14.80 -22.34 0.75
N ARG B 115 14.48 -21.16 0.17
CA ARG B 115 13.65 -20.13 0.79
C ARG B 115 12.20 -20.63 0.96
N ALA B 116 11.66 -21.31 -0.09
CA ALA B 116 10.32 -21.88 -0.11
C ALA B 116 10.12 -22.88 1.04
N ILE B 117 11.12 -23.73 1.32
CA ILE B 117 11.10 -24.70 2.42
C ILE B 117 11.08 -23.95 3.76
N GLU B 118 11.96 -22.93 3.94
CA GLU B 118 12.05 -22.12 5.16
C GLU B 118 10.76 -21.34 5.47
N VAL B 119 10.04 -20.86 4.44
CA VAL B 119 8.79 -20.11 4.59
C VAL B 119 7.67 -21.05 5.07
N ILE B 120 7.50 -22.20 4.39
CA ILE B 120 6.48 -23.21 4.68
C ILE B 120 6.78 -23.93 6.02
N ALA B 121 8.07 -24.15 6.36
CA ALA B 121 8.47 -24.77 7.63
C ALA B 121 8.06 -23.87 8.79
N ASP B 122 8.27 -22.54 8.66
CA ASP B 122 7.86 -21.56 9.68
C ASP B 122 6.34 -21.47 9.78
N ALA B 123 5.63 -21.62 8.64
CA ALA B 123 4.16 -21.61 8.57
C ALA B 123 3.60 -22.85 9.29
N CYS B 124 4.32 -24.00 9.20
CA CYS B 124 3.99 -25.27 9.88
C CYS B 124 4.05 -25.07 11.39
N GLN B 125 5.06 -24.30 11.88
CA GLN B 125 5.24 -23.96 13.31
C GLN B 125 4.05 -23.18 13.84
N ALA B 126 3.56 -22.20 13.05
CA ALA B 126 2.39 -21.37 13.36
C ALA B 126 1.13 -22.25 13.43
N LEU B 127 0.97 -23.16 12.45
CA LEU B 127 -0.15 -24.09 12.37
C LEU B 127 -0.15 -25.11 13.49
N ASN B 128 1.03 -25.59 13.88
CA ASN B 128 1.22 -26.53 14.98
C ASN B 128 0.77 -25.88 16.30
N PHE B 129 1.21 -24.61 16.55
CA PHE B 129 0.84 -23.86 17.76
C PHE B 129 -0.67 -23.63 17.82
N SER B 130 -1.28 -23.27 16.67
CA SER B 130 -2.72 -23.04 16.52
C SER B 130 -3.48 -24.33 16.86
N HIS B 131 -3.02 -25.49 16.32
CA HIS B 131 -3.62 -26.80 16.56
C HIS B 131 -3.49 -27.22 18.02
N GLN B 132 -2.37 -26.83 18.68
CA GLN B 132 -2.11 -27.07 20.11
C GLN B 132 -3.01 -26.21 20.99
N ASN B 133 -3.63 -25.17 20.39
CA ASN B 133 -4.58 -24.27 21.05
C ASN B 133 -6.02 -24.59 20.65
N GLY B 134 -6.20 -25.71 19.97
CA GLY B 134 -7.50 -26.21 19.52
C GLY B 134 -8.11 -25.48 18.35
N ILE B 135 -7.27 -24.77 17.56
CA ILE B 135 -7.74 -23.99 16.42
C ILE B 135 -7.22 -24.51 15.08
N ILE B 136 -8.15 -24.77 14.15
CA ILE B 136 -7.83 -25.15 12.77
C ILE B 136 -8.01 -23.84 12.00
N HIS B 137 -6.97 -23.42 11.23
CA HIS B 137 -6.98 -22.16 10.47
C HIS B 137 -8.14 -22.12 9.47
N ARG B 138 -8.30 -23.17 8.62
CA ARG B 138 -9.35 -23.39 7.61
C ARG B 138 -9.21 -22.57 6.32
N ASP B 139 -8.38 -21.52 6.33
CA ASP B 139 -8.23 -20.65 5.17
C ASP B 139 -6.74 -20.35 4.85
N VAL B 140 -5.89 -21.40 4.91
CA VAL B 140 -4.46 -21.28 4.59
C VAL B 140 -4.34 -21.05 3.07
N LYS B 141 -3.76 -19.90 2.70
CA LYS B 141 -3.56 -19.44 1.32
C LYS B 141 -2.39 -18.44 1.28
N PRO B 142 -1.75 -18.19 0.11
CA PRO B 142 -0.62 -17.23 0.07
C PRO B 142 -0.92 -15.83 0.60
N ALA B 143 -2.16 -15.35 0.44
CA ALA B 143 -2.59 -14.02 0.93
C ALA B 143 -2.61 -13.95 2.47
N ASN B 144 -2.75 -15.09 3.17
CA ASN B 144 -2.77 -15.15 4.63
C ASN B 144 -1.41 -15.39 5.28
N ILE B 145 -0.33 -15.33 4.46
CA ILE B 145 1.04 -15.50 4.94
C ILE B 145 1.82 -14.28 4.47
N MET B 146 2.40 -13.54 5.43
CA MET B 146 3.20 -12.35 5.16
C MET B 146 4.66 -12.59 5.48
N ILE B 147 5.55 -11.90 4.74
CA ILE B 147 7.00 -11.96 4.94
C ILE B 147 7.43 -10.53 5.26
N SER B 148 8.01 -10.33 6.47
CA SER B 148 8.45 -9.01 6.94
C SER B 148 9.75 -8.54 6.27
N ALA B 149 10.19 -7.30 6.62
CA ALA B 149 11.43 -6.68 6.13
C ALA B 149 12.66 -7.45 6.66
N THR B 150 12.52 -8.10 7.83
CA THR B 150 13.54 -8.93 8.48
C THR B 150 13.37 -10.41 8.09
N ASN B 151 12.55 -10.67 7.04
CA ASN B 151 12.22 -11.97 6.44
C ASN B 151 11.44 -12.91 7.37
N ALA B 152 10.81 -12.38 8.44
CA ALA B 152 10.00 -13.16 9.38
C ALA B 152 8.67 -13.59 8.73
N VAL B 153 8.31 -14.87 8.89
CA VAL B 153 7.07 -15.44 8.36
C VAL B 153 5.97 -15.12 9.37
N LYS B 154 4.84 -14.56 8.89
CA LYS B 154 3.71 -14.16 9.73
C LYS B 154 2.39 -14.64 9.13
N VAL B 155 1.79 -15.66 9.74
CA VAL B 155 0.51 -16.22 9.31
C VAL B 155 -0.62 -15.44 10.00
N MET B 156 -1.67 -15.07 9.26
CA MET B 156 -2.79 -14.34 9.83
C MET B 156 -4.11 -15.00 9.51
N ASP B 157 -5.24 -14.45 10.01
CA ASP B 157 -6.62 -14.89 9.79
C ASP B 157 -6.95 -16.25 10.44
N PHE B 158 -6.62 -16.38 11.72
CA PHE B 158 -6.98 -17.57 12.48
C PHE B 158 -8.34 -17.24 13.12
N GLY B 159 -9.30 -18.13 12.92
CA GLY B 159 -10.65 -17.98 13.47
C GLY B 159 -10.74 -18.54 14.87
N ILE B 160 -11.73 -18.09 15.66
CA ILE B 160 -11.90 -18.55 17.04
C ILE B 160 -12.51 -19.97 17.09
N ALA B 161 -12.02 -20.83 17.99
CA ALA B 161 -12.51 -22.20 18.15
C ALA B 161 -12.61 -22.67 19.61
N ASN B 169 -22.61 -21.51 22.12
CA ASN B 169 -21.18 -21.39 22.45
C ASN B 169 -20.49 -20.30 21.60
N SER B 170 -19.60 -20.69 20.64
CA SER B 170 -18.85 -19.79 19.77
C SER B 170 -19.63 -19.36 18.53
N VAL B 171 -19.33 -18.17 17.97
CA VAL B 171 -20.01 -17.59 16.79
C VAL B 171 -19.76 -18.42 15.50
N TPO B 172 -20.84 -18.67 14.74
CA TPO B 172 -20.92 -19.42 13.48
CB TPO B 172 -22.45 -19.37 13.09
CG2 TPO B 172 -22.88 -20.41 12.04
OG1 TPO B 172 -23.36 -19.49 14.22
P TPO B 172 -24.21 -18.24 14.56
O1P TPO B 172 -23.29 -17.08 15.00
O2P TPO B 172 -25.07 -17.77 13.40
O3P TPO B 172 -25.12 -18.57 15.73
C TPO B 172 -20.14 -18.72 12.35
O TPO B 172 -20.05 -17.49 12.32
N GLN B 173 -19.59 -19.52 11.39
CA GLN B 173 -18.85 -19.00 10.26
C GLN B 173 -19.49 -19.34 8.91
N TPO B 174 -19.37 -18.43 7.94
CA TPO B 174 -19.92 -18.54 6.59
CB TPO B 174 -20.01 -17.20 5.77
CG2 TPO B 174 -21.40 -16.53 5.85
OG1 TPO B 174 -18.88 -16.29 6.16
P TPO B 174 -18.88 -15.23 7.31
O1P TPO B 174 -17.41 -15.01 7.65
O2P TPO B 174 -19.57 -15.70 8.59
O3P TPO B 174 -19.50 -13.91 6.84
C TPO B 174 -19.16 -19.53 5.71
O TPO B 174 -17.96 -19.75 5.94
N ALA B 175 -19.85 -20.12 4.72
CA ALA B 175 -19.27 -21.07 3.76
C ALA B 175 -19.21 -20.44 2.36
N ALA B 176 -18.02 -20.48 1.73
CA ALA B 176 -17.78 -19.93 0.40
C ALA B 176 -16.72 -20.74 -0.34
N THR B 180 -11.66 -18.14 -4.79
CA THR B 180 -11.03 -18.79 -5.94
C THR B 180 -11.06 -20.33 -5.88
N ALA B 181 -11.27 -20.91 -4.67
CA ALA B 181 -11.34 -22.36 -4.38
C ALA B 181 -10.04 -23.14 -4.68
N GLN B 182 -8.93 -22.44 -4.97
CA GLN B 182 -7.61 -23.01 -5.30
C GLN B 182 -6.87 -23.61 -4.09
N TYR B 183 -7.28 -23.23 -2.86
CA TYR B 183 -6.62 -23.68 -1.64
C TYR B 183 -7.58 -24.45 -0.72
N LEU B 184 -8.75 -24.83 -1.24
CA LEU B 184 -9.72 -25.63 -0.48
C LEU B 184 -9.27 -27.08 -0.48
N SER B 185 -9.45 -27.75 0.65
CA SER B 185 -9.15 -29.17 0.79
C SER B 185 -10.34 -29.95 0.19
N PRO B 186 -10.19 -31.23 -0.23
CA PRO B 186 -11.36 -31.95 -0.77
C PRO B 186 -12.54 -32.02 0.19
N GLU B 187 -12.28 -32.23 1.51
CA GLU B 187 -13.29 -32.31 2.57
C GLU B 187 -14.08 -31.00 2.76
N GLN B 188 -13.42 -29.84 2.57
CA GLN B 188 -14.05 -28.52 2.67
C GLN B 188 -15.01 -28.30 1.49
N ALA B 189 -14.57 -28.66 0.28
CA ALA B 189 -15.35 -28.53 -0.95
C ALA B 189 -16.58 -29.45 -0.94
N ARG B 190 -16.47 -30.63 -0.32
CA ARG B 190 -17.52 -31.64 -0.23
C ARG B 190 -18.48 -31.46 0.96
N GLY B 191 -18.03 -30.80 2.01
CA GLY B 191 -18.82 -30.61 3.23
C GLY B 191 -18.63 -31.75 4.21
N ASP B 192 -17.50 -32.48 4.07
CA ASP B 192 -17.12 -33.57 4.95
C ASP B 192 -16.52 -32.98 6.22
N SER B 193 -16.15 -33.84 7.19
CA SER B 193 -15.55 -33.39 8.45
C SER B 193 -14.19 -32.75 8.18
N VAL B 194 -13.89 -31.68 8.90
CA VAL B 194 -12.65 -30.92 8.76
C VAL B 194 -11.83 -30.98 10.04
N ASP B 195 -10.57 -31.39 9.93
CA ASP B 195 -9.61 -31.47 11.02
C ASP B 195 -8.31 -30.73 10.62
N ALA B 196 -7.23 -30.84 11.43
CA ALA B 196 -5.95 -30.16 11.18
C ALA B 196 -5.27 -30.53 9.85
N ARG B 197 -5.58 -31.75 9.31
CA ARG B 197 -5.03 -32.23 8.03
C ARG B 197 -5.53 -31.44 6.83
N SER B 198 -6.58 -30.62 7.02
CA SER B 198 -7.13 -29.75 6.00
C SER B 198 -6.15 -28.58 5.82
N ASP B 199 -5.54 -28.12 6.93
CA ASP B 199 -4.53 -27.05 6.93
C ASP B 199 -3.24 -27.59 6.30
N VAL B 200 -2.96 -28.90 6.49
CA VAL B 200 -1.81 -29.60 5.93
C VAL B 200 -1.93 -29.56 4.41
N TYR B 201 -3.13 -29.91 3.88
CA TYR B 201 -3.46 -29.92 2.45
C TYR B 201 -3.32 -28.53 1.84
N SER B 202 -3.96 -27.52 2.46
CA SER B 202 -3.94 -26.12 2.02
C SER B 202 -2.54 -25.55 2.02
N LEU B 203 -1.71 -25.88 3.03
CA LEU B 203 -0.32 -25.43 3.09
C LEU B 203 0.51 -26.09 1.98
N GLY B 204 0.11 -27.32 1.60
CA GLY B 204 0.69 -28.07 0.49
C GLY B 204 0.46 -27.34 -0.82
N CYS B 205 -0.77 -26.77 -0.99
CA CYS B 205 -1.18 -25.95 -2.15
C CYS B 205 -0.30 -24.69 -2.23
N VAL B 206 -0.03 -24.06 -1.07
CA VAL B 206 0.81 -22.85 -0.93
C VAL B 206 2.26 -23.20 -1.28
N LEU B 207 2.77 -24.34 -0.75
CA LEU B 207 4.12 -24.86 -1.00
C LEU B 207 4.29 -25.15 -2.49
N TYR B 208 3.25 -25.71 -3.14
CA TYR B 208 3.22 -26.00 -4.58
C TYR B 208 3.39 -24.70 -5.39
N GLU B 209 2.63 -23.64 -5.02
CA GLU B 209 2.67 -22.34 -5.68
C GLU B 209 3.99 -21.59 -5.52
N VAL B 210 4.59 -21.59 -4.32
CA VAL B 210 5.85 -20.89 -4.11
C VAL B 210 7.01 -21.60 -4.84
N LEU B 211 6.86 -22.92 -5.10
CA LEU B 211 7.86 -23.73 -5.81
C LEU B 211 7.74 -23.66 -7.33
N THR B 212 6.50 -23.77 -7.86
CA THR B 212 6.23 -23.79 -9.30
C THR B 212 5.87 -22.42 -9.91
N GLY B 213 5.20 -21.57 -9.12
CA GLY B 213 4.74 -20.26 -9.55
C GLY B 213 3.24 -20.22 -9.82
N GLU B 214 2.58 -21.38 -9.68
CA GLU B 214 1.15 -21.56 -9.90
C GLU B 214 0.56 -22.57 -8.88
N PRO B 215 -0.74 -22.44 -8.49
CA PRO B 215 -1.32 -23.44 -7.55
C PRO B 215 -1.52 -24.81 -8.21
N PRO B 216 -1.72 -25.93 -7.45
CA PRO B 216 -1.86 -27.25 -8.11
C PRO B 216 -3.03 -27.40 -9.08
N PHE B 217 -4.16 -26.70 -8.82
CA PHE B 217 -5.34 -26.77 -9.66
C PHE B 217 -5.87 -25.40 -10.04
N THR B 218 -6.15 -25.20 -11.32
CA THR B 218 -6.67 -23.97 -11.90
C THR B 218 -7.86 -24.28 -12.82
N GLY B 219 -8.84 -23.37 -12.86
CA GLY B 219 -10.04 -23.52 -13.68
C GLY B 219 -10.81 -22.24 -13.91
N ASP B 220 -11.75 -22.28 -14.87
CA ASP B 220 -12.60 -21.14 -15.24
C ASP B 220 -13.66 -20.82 -14.18
N SER B 221 -14.01 -21.79 -13.32
CA SER B 221 -15.01 -21.64 -12.26
C SER B 221 -14.52 -22.27 -10.93
N PRO B 222 -14.98 -21.78 -9.75
CA PRO B 222 -14.56 -22.42 -8.49
C PRO B 222 -15.02 -23.87 -8.35
N VAL B 223 -16.13 -24.24 -9.04
CA VAL B 223 -16.70 -25.60 -9.07
C VAL B 223 -15.69 -26.56 -9.74
N SER B 224 -15.11 -26.12 -10.89
CA SER B 224 -14.11 -26.88 -11.66
C SER B 224 -12.85 -27.14 -10.84
N VAL B 225 -12.39 -26.13 -10.07
CA VAL B 225 -11.21 -26.22 -9.20
C VAL B 225 -11.50 -27.19 -8.03
N ALA B 226 -12.70 -27.06 -7.41
CA ALA B 226 -13.15 -27.92 -6.30
C ALA B 226 -13.23 -29.39 -6.76
N TYR B 227 -13.71 -29.62 -8.00
CA TYR B 227 -13.82 -30.92 -8.64
C TYR B 227 -12.42 -31.55 -8.76
N GLN B 228 -11.45 -30.74 -9.23
CA GLN B 228 -10.04 -31.13 -9.40
C GLN B 228 -9.42 -31.52 -8.06
N HIS B 229 -9.67 -30.74 -6.99
CA HIS B 229 -9.18 -31.01 -5.64
C HIS B 229 -9.65 -32.38 -5.16
N VAL B 230 -10.90 -32.73 -5.48
CA VAL B 230 -11.54 -33.97 -5.07
C VAL B 230 -11.11 -35.18 -5.92
N ARG B 231 -11.17 -35.07 -7.27
CA ARG B 231 -10.90 -36.22 -8.15
C ARG B 231 -9.60 -36.18 -8.96
N GLU B 232 -9.21 -35.03 -9.54
CA GLU B 232 -7.99 -34.96 -10.36
C GLU B 232 -6.70 -34.98 -9.55
N ASP B 233 -5.76 -35.86 -9.93
CA ASP B 233 -4.46 -35.96 -9.26
C ASP B 233 -3.54 -34.80 -9.67
N PRO B 234 -2.79 -34.20 -8.71
CA PRO B 234 -1.91 -33.07 -9.09
C PRO B 234 -0.65 -33.51 -9.83
N ILE B 235 -0.16 -32.63 -10.73
CA ILE B 235 1.05 -32.84 -11.52
C ILE B 235 2.26 -32.66 -10.57
N PRO B 236 3.27 -33.57 -10.57
CA PRO B 236 4.42 -33.39 -9.67
C PRO B 236 5.13 -32.04 -9.88
N PRO B 237 5.54 -31.34 -8.79
CA PRO B 237 6.18 -30.01 -8.95
C PRO B 237 7.36 -29.91 -9.92
N SER B 238 8.17 -30.99 -10.05
CA SER B 238 9.33 -31.07 -10.94
C SER B 238 8.92 -30.97 -12.42
N ALA B 239 7.75 -31.55 -12.77
CA ALA B 239 7.19 -31.54 -14.13
C ALA B 239 6.66 -30.16 -14.54
N ARG B 240 6.36 -29.29 -13.55
CA ARG B 240 5.84 -27.94 -13.76
C ARG B 240 6.93 -26.87 -13.70
N HIS B 241 8.01 -27.12 -12.92
CA HIS B 241 9.12 -26.19 -12.74
C HIS B 241 10.45 -26.96 -12.57
N GLU B 242 11.50 -26.49 -13.28
CA GLU B 242 12.83 -27.08 -13.27
C GLU B 242 13.56 -26.89 -11.93
N GLY B 243 14.52 -27.77 -11.66
CA GLY B 243 15.35 -27.75 -10.46
C GLY B 243 14.64 -28.11 -9.16
N LEU B 244 13.73 -29.09 -9.21
CA LEU B 244 12.99 -29.56 -8.03
C LEU B 244 13.18 -31.06 -7.83
N SER B 245 13.83 -31.45 -6.71
CA SER B 245 14.17 -32.83 -6.37
C SER B 245 12.96 -33.75 -6.15
N ALA B 246 13.17 -35.08 -6.31
CA ALA B 246 12.16 -36.12 -6.15
C ALA B 246 11.71 -36.24 -4.69
N ASP B 247 12.63 -35.97 -3.73
CA ASP B 247 12.38 -36.00 -2.30
C ASP B 247 11.42 -34.88 -1.91
N LEU B 248 11.61 -33.67 -2.50
CA LEU B 248 10.76 -32.50 -2.28
C LEU B 248 9.40 -32.72 -2.95
N ASP B 249 9.39 -33.38 -4.13
CA ASP B 249 8.19 -33.74 -4.88
C ASP B 249 7.31 -34.67 -4.03
N ALA B 250 7.94 -35.62 -3.31
CA ALA B 250 7.29 -36.57 -2.42
C ALA B 250 6.63 -35.88 -1.23
N VAL B 251 7.20 -34.75 -0.76
CA VAL B 251 6.68 -33.95 0.36
C VAL B 251 5.40 -33.22 -0.06
N VAL B 252 5.45 -32.46 -1.18
CA VAL B 252 4.33 -31.70 -1.73
C VAL B 252 3.15 -32.61 -2.07
N LEU B 253 3.42 -33.75 -2.73
CA LEU B 253 2.39 -34.72 -3.15
C LEU B 253 1.78 -35.49 -1.98
N LYS B 254 2.53 -35.65 -0.84
CA LYS B 254 2.00 -36.31 0.36
C LYS B 254 1.01 -35.38 1.05
N ALA B 255 1.35 -34.07 1.14
CA ALA B 255 0.50 -33.02 1.73
C ALA B 255 -0.78 -32.84 0.92
N LEU B 256 -0.69 -33.05 -0.42
CA LEU B 256 -1.80 -32.92 -1.36
C LEU B 256 -2.58 -34.23 -1.62
N ALA B 257 -2.44 -35.23 -0.73
CA ALA B 257 -3.16 -36.51 -0.87
C ALA B 257 -4.67 -36.29 -0.70
N LYS B 258 -5.49 -37.05 -1.44
CA LYS B 258 -6.94 -36.95 -1.43
C LYS B 258 -7.53 -37.36 -0.08
N ASN B 259 -7.13 -38.54 0.42
CA ASN B 259 -7.57 -39.05 1.71
C ASN B 259 -6.69 -38.43 2.80
N PRO B 260 -7.29 -37.77 3.84
CA PRO B 260 -6.45 -37.15 4.91
C PRO B 260 -5.53 -38.13 5.63
N GLU B 261 -5.91 -39.43 5.61
CA GLU B 261 -5.19 -40.56 6.17
C GLU B 261 -3.78 -40.73 5.56
N ASN B 262 -3.62 -40.36 4.27
CA ASN B 262 -2.36 -40.51 3.51
C ASN B 262 -1.47 -39.25 3.54
N ARG B 263 -2.00 -38.12 4.03
CA ARG B 263 -1.29 -36.85 4.18
C ARG B 263 -0.40 -36.91 5.43
N TYR B 264 0.28 -35.79 5.74
CA TYR B 264 1.01 -35.63 6.99
C TYR B 264 -0.10 -35.49 8.04
N GLN B 265 -0.02 -36.28 9.11
CA GLN B 265 -1.06 -36.30 10.14
C GLN B 265 -1.03 -35.06 11.03
N THR B 266 0.12 -34.38 11.10
CA THR B 266 0.32 -33.16 11.88
C THR B 266 1.11 -32.16 11.03
N ALA B 267 1.04 -30.85 11.39
CA ALA B 267 1.81 -29.80 10.72
C ALA B 267 3.28 -29.94 11.09
N ALA B 268 3.56 -30.40 12.33
CA ALA B 268 4.89 -30.65 12.87
C ALA B 268 5.62 -31.76 12.11
N GLU B 269 4.89 -32.79 11.62
CA GLU B 269 5.51 -33.87 10.85
C GLU B 269 5.71 -33.47 9.38
N MET B 270 4.98 -32.43 8.91
CA MET B 270 5.17 -31.87 7.58
C MET B 270 6.46 -31.03 7.61
N ARG B 271 6.70 -30.30 8.73
CA ARG B 271 7.88 -29.45 8.97
C ARG B 271 9.15 -30.29 9.03
N ALA B 272 9.12 -31.45 9.73
CA ALA B 272 10.26 -32.36 9.90
C ALA B 272 10.75 -32.92 8.57
N ASP B 273 9.82 -33.25 7.65
CA ASP B 273 10.14 -33.77 6.32
C ASP B 273 10.75 -32.68 5.44
N LEU B 274 10.25 -31.44 5.56
CA LEU B 274 10.77 -30.28 4.81
C LEU B 274 12.21 -29.95 5.26
N VAL B 275 12.47 -29.97 6.59
CA VAL B 275 13.79 -29.72 7.19
C VAL B 275 14.79 -30.81 6.72
N ARG B 276 14.32 -32.06 6.56
CA ARG B 276 15.13 -33.20 6.09
C ARG B 276 15.54 -32.99 4.62
N VAL B 277 14.63 -32.42 3.80
CA VAL B 277 14.88 -32.10 2.39
C VAL B 277 15.85 -30.89 2.31
N HIS B 278 15.67 -29.89 3.22
CA HIS B 278 16.47 -28.67 3.33
C HIS B 278 17.96 -28.97 3.55
N ARG C 27 11.55 -1.70 -2.06
CA ARG C 27 11.59 -0.73 -3.15
C ARG C 27 10.22 -0.15 -3.48
N ALA C 28 9.14 -0.94 -3.29
CA ALA C 28 7.75 -0.55 -3.56
C ALA C 28 7.23 0.61 -2.70
N ASP C 29 7.83 0.82 -1.52
CA ASP C 29 7.49 1.86 -0.53
C ASP C 29 7.81 3.30 -1.05
N PHE C 30 8.64 3.42 -2.08
CA PHE C 30 9.04 4.70 -2.62
C PHE C 30 8.29 5.05 -3.89
N LEU C 31 8.42 6.31 -4.36
CA LEU C 31 7.79 6.73 -5.62
C LEU C 31 8.59 6.12 -6.78
N SER C 32 7.89 5.81 -7.88
CA SER C 32 8.39 5.18 -9.10
C SER C 32 9.66 5.79 -9.71
N GLU C 33 9.79 7.14 -9.65
CA GLU C 33 10.95 7.90 -10.17
C GLU C 33 12.28 7.43 -9.60
N LEU C 34 12.28 6.91 -8.36
CA LEU C 34 13.49 6.41 -7.71
C LEU C 34 14.03 5.12 -8.36
N ASP C 35 13.21 4.47 -9.23
CA ASP C 35 13.47 3.23 -9.99
C ASP C 35 13.53 2.00 -9.10
N SER C 47 -10.33 -13.42 -5.74
CA SER C 47 -10.23 -12.80 -7.07
C SER C 47 -10.44 -11.30 -7.06
N GLY C 48 -11.38 -10.82 -6.23
CA GLY C 48 -11.70 -9.39 -6.12
C GLY C 48 -12.33 -8.97 -4.81
N VAL C 49 -12.74 -7.69 -4.72
CA VAL C 49 -13.33 -7.12 -3.50
C VAL C 49 -14.88 -7.23 -3.48
N GLU C 50 -15.48 -6.89 -2.32
CA GLU C 50 -16.92 -6.91 -2.06
C GLU C 50 -17.48 -5.47 -1.98
N GLY C 51 -18.80 -5.38 -2.10
CA GLY C 51 -19.54 -4.12 -2.01
C GLY C 51 -19.44 -3.16 -3.16
N LEU C 52 -18.94 -3.62 -4.32
CA LEU C 52 -18.85 -2.78 -5.51
C LEU C 52 -19.92 -3.22 -6.51
N PRO C 53 -20.70 -2.28 -7.12
CA PRO C 53 -21.69 -2.71 -8.12
C PRO C 53 -21.07 -3.46 -9.31
N PRO C 54 -21.75 -4.49 -9.88
CA PRO C 54 -21.14 -5.25 -10.99
C PRO C 54 -20.64 -4.40 -12.16
N GLY C 55 -19.48 -4.77 -12.69
CA GLY C 55 -18.84 -4.08 -13.81
C GLY C 55 -18.18 -2.78 -13.45
N SER C 56 -18.08 -2.47 -12.14
CA SER C 56 -17.46 -1.25 -11.67
C SER C 56 -16.16 -1.50 -10.91
N ALA C 57 -15.37 -0.43 -10.73
CA ALA C 57 -14.11 -0.47 -10.00
C ALA C 57 -13.97 0.72 -9.05
N LEU C 58 -12.96 0.68 -8.18
CA LEU C 58 -12.69 1.71 -7.20
C LEU C 58 -11.20 2.04 -7.14
N LEU C 59 -10.88 3.33 -7.13
CA LEU C 59 -9.49 3.80 -6.99
C LEU C 59 -9.38 4.44 -5.62
N VAL C 60 -8.47 3.95 -4.78
CA VAL C 60 -8.32 4.48 -3.42
C VAL C 60 -6.93 5.09 -3.26
N VAL C 61 -6.87 6.32 -2.70
CA VAL C 61 -5.58 6.97 -2.41
C VAL C 61 -5.00 6.24 -1.20
N LYS C 62 -3.82 5.63 -1.38
CA LYS C 62 -3.14 4.83 -0.35
C LYS C 62 -2.46 5.66 0.73
N ARG C 63 -1.79 6.78 0.36
CA ARG C 63 -1.08 7.62 1.32
C ARG C 63 -1.10 9.12 0.99
N GLY C 64 -0.61 9.93 1.92
CA GLY C 64 -0.50 11.38 1.80
C GLY C 64 -1.67 12.16 2.37
N PRO C 65 -1.84 13.44 1.97
CA PRO C 65 -2.96 14.26 2.50
C PRO C 65 -4.36 13.75 2.15
N ASN C 66 -4.51 13.11 0.98
CA ASN C 66 -5.78 12.60 0.50
C ASN C 66 -5.98 11.10 0.78
N ALA C 67 -5.12 10.47 1.62
CA ALA C 67 -5.22 9.05 1.97
C ALA C 67 -6.62 8.72 2.45
N GLY C 68 -7.24 7.71 1.83
CA GLY C 68 -8.59 7.30 2.18
C GLY C 68 -9.62 7.73 1.16
N SER C 69 -9.31 8.81 0.38
CA SER C 69 -10.19 9.31 -0.68
C SER C 69 -10.28 8.26 -1.76
N ARG C 70 -11.46 8.12 -2.34
CA ARG C 70 -11.70 7.11 -3.36
C ARG C 70 -12.55 7.65 -4.49
N PHE C 71 -12.49 6.96 -5.63
CA PHE C 71 -13.19 7.32 -6.84
C PHE C 71 -13.75 6.08 -7.47
N LEU C 72 -15.06 6.08 -7.75
CA LEU C 72 -15.74 4.95 -8.37
C LEU C 72 -15.68 5.08 -9.90
N LEU C 73 -15.23 4.01 -10.56
CA LEU C 73 -15.17 3.92 -12.01
C LEU C 73 -16.40 3.12 -12.45
N ASP C 74 -17.36 3.78 -13.12
CA ASP C 74 -18.60 3.16 -13.58
C ASP C 74 -19.02 3.60 -15.00
N GLN C 75 -18.18 4.43 -15.64
CA GLN C 75 -18.35 4.95 -17.00
C GLN C 75 -17.35 4.26 -17.94
N ALA C 76 -17.53 4.43 -19.26
CA ALA C 76 -16.64 3.89 -20.27
C ALA C 76 -15.31 4.67 -20.26
N ILE C 77 -15.38 5.99 -20.03
CA ILE C 77 -14.21 6.87 -19.95
C ILE C 77 -14.31 7.73 -18.69
N THR C 78 -13.25 7.71 -17.87
CA THR C 78 -13.17 8.47 -16.64
C THR C 78 -11.84 9.23 -16.65
N SER C 79 -11.91 10.56 -16.81
CA SER C 79 -10.69 11.39 -16.86
C SER C 79 -10.09 11.61 -15.47
N ALA C 80 -8.75 11.73 -15.40
CA ALA C 80 -8.03 11.96 -14.16
C ALA C 80 -6.94 13.03 -14.38
N GLY C 81 -7.00 14.10 -13.60
CA GLY C 81 -6.05 15.20 -13.71
C GLY C 81 -6.30 16.34 -12.74
N ARG C 82 -5.52 17.43 -12.89
CA ARG C 82 -5.60 18.63 -12.06
C ARG C 82 -6.59 19.67 -12.64
N HIS C 83 -7.17 19.41 -13.84
CA HIS C 83 -8.16 20.33 -14.41
C HIS C 83 -9.46 20.25 -13.60
N PRO C 84 -10.09 21.40 -13.25
CA PRO C 84 -11.32 21.36 -12.44
C PRO C 84 -12.46 20.48 -12.95
N ASP C 85 -12.58 20.30 -14.29
CA ASP C 85 -13.65 19.49 -14.89
C ASP C 85 -13.36 17.96 -14.86
N SER C 86 -12.15 17.54 -14.41
CA SER C 86 -11.74 16.12 -14.34
C SER C 86 -12.71 15.29 -13.51
N ASP C 87 -12.98 14.04 -13.96
CA ASP C 87 -13.87 13.12 -13.24
C ASP C 87 -13.22 12.69 -11.92
N ILE C 88 -11.88 12.52 -11.94
CA ILE C 88 -11.06 12.19 -10.78
C ILE C 88 -10.10 13.38 -10.63
N PHE C 89 -10.51 14.36 -9.83
CA PHE C 89 -9.72 15.57 -9.61
C PHE C 89 -8.55 15.27 -8.67
N LEU C 90 -7.32 15.43 -9.19
CA LEU C 90 -6.12 15.17 -8.42
C LEU C 90 -5.27 16.44 -8.33
N ASP C 91 -5.47 17.19 -7.24
CA ASP C 91 -4.78 18.45 -6.98
C ASP C 91 -3.41 18.22 -6.39
N ASP C 92 -2.38 18.31 -7.25
CA ASP C 92 -0.97 18.12 -6.94
C ASP C 92 -0.19 18.79 -8.09
N VAL C 93 0.84 19.60 -7.76
CA VAL C 93 1.69 20.37 -8.69
C VAL C 93 2.31 19.51 -9.82
N THR C 94 2.59 18.22 -9.55
CA THR C 94 3.19 17.29 -10.49
C THR C 94 2.16 16.59 -11.40
N VAL C 95 0.85 16.71 -11.10
CA VAL C 95 -0.22 16.12 -11.91
C VAL C 95 -0.57 17.13 -13.01
N SER C 96 -0.65 16.65 -14.27
CA SER C 96 -1.04 17.48 -15.41
C SER C 96 -2.54 17.71 -15.35
N ARG C 97 -3.02 18.85 -15.90
CA ARG C 97 -4.45 19.19 -15.98
C ARG C 97 -5.20 18.05 -16.70
N ARG C 98 -4.61 17.57 -17.81
CA ARG C 98 -5.06 16.41 -18.58
C ARG C 98 -3.92 15.41 -18.37
N HIS C 99 -4.07 14.48 -17.42
CA HIS C 99 -3.00 13.53 -17.12
C HIS C 99 -3.28 12.16 -17.69
N ALA C 100 -4.39 11.54 -17.27
CA ALA C 100 -4.76 10.19 -17.65
C ALA C 100 -6.28 9.99 -17.79
N GLU C 101 -6.64 8.80 -18.27
CA GLU C 101 -8.02 8.36 -18.44
C GLU C 101 -8.11 6.88 -18.07
N PHE C 102 -9.20 6.51 -17.42
CA PHE C 102 -9.49 5.14 -17.04
C PHE C 102 -10.62 4.73 -17.96
N ARG C 103 -10.36 3.71 -18.78
CA ARG C 103 -11.30 3.22 -19.79
C ARG C 103 -11.83 1.83 -19.52
N LEU C 104 -13.16 1.67 -19.60
CA LEU C 104 -13.86 0.40 -19.42
C LEU C 104 -14.13 -0.17 -20.82
N GLU C 105 -13.25 -1.11 -21.27
CA GLU C 105 -13.31 -1.74 -22.59
C GLU C 105 -13.19 -3.26 -22.44
N ASN C 106 -14.13 -4.01 -23.07
CA ASN C 106 -14.22 -5.47 -23.05
C ASN C 106 -14.37 -6.04 -21.63
N ASN C 107 -15.35 -5.46 -20.87
CA ASN C 107 -15.71 -5.81 -19.49
C ASN C 107 -14.53 -5.68 -18.48
N GLU C 108 -13.45 -5.01 -18.89
CA GLU C 108 -12.24 -4.79 -18.08
C GLU C 108 -11.80 -3.31 -18.10
N PHE C 109 -11.08 -2.90 -17.06
CA PHE C 109 -10.58 -1.54 -16.95
C PHE C 109 -9.11 -1.42 -17.36
N ASN C 110 -8.75 -0.26 -17.88
CA ASN C 110 -7.39 0.08 -18.25
C ASN C 110 -7.09 1.55 -18.00
N VAL C 111 -5.82 1.87 -17.72
CA VAL C 111 -5.38 3.25 -17.55
C VAL C 111 -4.61 3.66 -18.81
N VAL C 112 -4.81 4.91 -19.25
CA VAL C 112 -4.13 5.45 -20.40
C VAL C 112 -3.63 6.87 -20.11
N ASP C 113 -2.35 7.14 -20.42
CA ASP C 113 -1.77 8.46 -20.24
C ASP C 113 -2.11 9.25 -21.49
N VAL C 114 -2.76 10.41 -21.30
CA VAL C 114 -3.22 11.23 -22.42
C VAL C 114 -2.19 12.33 -22.82
N GLY C 115 -0.99 12.26 -22.26
CA GLY C 115 0.08 13.21 -22.56
C GLY C 115 0.49 14.08 -21.39
N SER C 116 0.82 13.46 -20.26
CA SER C 116 1.26 14.21 -19.08
C SER C 116 2.75 14.54 -19.13
N LEU C 117 3.21 15.39 -18.20
CA LEU C 117 4.59 15.81 -18.05
C LEU C 117 5.44 14.75 -17.33
N ASN C 118 4.94 14.22 -16.21
CA ASN C 118 5.68 13.27 -15.37
C ASN C 118 5.29 11.78 -15.57
N GLY C 119 4.32 11.53 -16.45
CA GLY C 119 3.88 10.18 -16.81
C GLY C 119 2.97 9.47 -15.83
N THR C 120 2.52 8.27 -16.23
CA THR C 120 1.66 7.38 -15.46
C THR C 120 2.40 6.07 -15.21
N TYR C 121 2.35 5.58 -13.98
CA TYR C 121 3.03 4.36 -13.57
C TYR C 121 2.03 3.33 -13.06
N VAL C 122 2.21 2.07 -13.46
CA VAL C 122 1.41 0.94 -12.99
C VAL C 122 2.39 -0.02 -12.38
N ASN C 123 2.25 -0.26 -11.06
CA ASN C 123 3.13 -1.14 -10.26
C ASN C 123 4.61 -0.71 -10.37
N ARG C 124 4.85 0.64 -10.27
CA ARG C 124 6.17 1.32 -10.33
C ARG C 124 6.76 1.43 -11.74
N GLU C 125 6.10 0.84 -12.75
CA GLU C 125 6.61 0.81 -14.12
C GLU C 125 5.95 1.87 -15.01
N PRO C 126 6.75 2.70 -15.72
CA PRO C 126 6.15 3.73 -16.59
C PRO C 126 5.39 3.13 -17.76
N VAL C 127 4.15 3.60 -17.99
CA VAL C 127 3.27 3.07 -19.05
C VAL C 127 2.59 4.16 -19.86
N ASP C 128 2.24 3.82 -21.10
CA ASP C 128 1.44 4.65 -21.99
C ASP C 128 0.00 4.18 -21.75
N SER C 129 -0.21 2.85 -21.78
CA SER C 129 -1.49 2.19 -21.54
C SER C 129 -1.27 0.84 -20.86
N ALA C 130 -2.12 0.51 -19.89
CA ALA C 130 -2.04 -0.77 -19.16
C ALA C 130 -3.41 -1.23 -18.70
N VAL C 131 -3.66 -2.54 -18.81
CA VAL C 131 -4.88 -3.20 -18.35
C VAL C 131 -4.75 -3.33 -16.82
N LEU C 132 -5.83 -3.02 -16.08
CA LEU C 132 -5.83 -3.08 -14.63
C LEU C 132 -6.50 -4.32 -14.05
N ALA C 133 -5.82 -4.96 -13.12
CA ALA C 133 -6.28 -6.12 -12.35
C ALA C 133 -6.43 -5.66 -10.90
N ASN C 134 -7.27 -6.36 -10.10
CA ASN C 134 -7.51 -6.02 -8.69
C ASN C 134 -6.21 -6.03 -7.88
N GLY C 135 -5.92 -4.91 -7.23
CA GLY C 135 -4.72 -4.75 -6.40
C GLY C 135 -3.60 -3.94 -7.02
N ASP C 136 -3.74 -3.58 -8.33
CA ASP C 136 -2.75 -2.79 -9.05
C ASP C 136 -2.62 -1.39 -8.48
N GLU C 137 -1.38 -0.87 -8.46
CA GLU C 137 -1.09 0.47 -7.97
C GLU C 137 -0.81 1.42 -9.13
N VAL C 138 -1.56 2.53 -9.18
CA VAL C 138 -1.46 3.55 -10.22
C VAL C 138 -0.87 4.82 -9.62
N GLN C 139 0.25 5.29 -10.20
CA GLN C 139 0.90 6.51 -9.76
C GLN C 139 0.67 7.63 -10.76
N ILE C 140 -0.06 8.66 -10.32
CA ILE C 140 -0.35 9.88 -11.07
C ILE C 140 0.15 11.01 -10.17
N GLY C 141 1.25 11.62 -10.57
CA GLY C 141 1.94 12.65 -9.80
C GLY C 141 2.56 12.04 -8.56
N LYS C 142 2.14 12.54 -7.40
CA LYS C 142 2.56 12.03 -6.09
C LYS C 142 1.44 11.15 -5.50
N PHE C 143 0.35 10.92 -6.27
CA PHE C 143 -0.76 10.08 -5.83
C PHE C 143 -0.47 8.60 -6.09
N ARG C 144 -0.66 7.78 -5.06
CA ARG C 144 -0.49 6.34 -5.13
C ARG C 144 -1.87 5.75 -4.92
N LEU C 145 -2.52 5.43 -6.04
CA LEU C 145 -3.88 4.91 -6.05
C LEU C 145 -3.85 3.40 -6.16
N VAL C 146 -4.76 2.73 -5.44
CA VAL C 146 -4.91 1.29 -5.54
C VAL C 146 -6.21 1.04 -6.30
N PHE C 147 -6.14 0.21 -7.35
CA PHE C 147 -7.27 -0.17 -8.18
C PHE C 147 -7.91 -1.42 -7.57
N LEU C 148 -9.22 -1.36 -7.31
CA LEU C 148 -9.99 -2.45 -6.74
C LEU C 148 -11.21 -2.76 -7.59
N THR C 149 -11.46 -4.05 -7.82
CA THR C 149 -12.61 -4.50 -8.61
C THR C 149 -13.19 -5.77 -7.99
N GLY C 150 -14.40 -6.14 -8.39
CA GLY C 150 -15.06 -7.34 -7.89
C GLY C 150 -14.57 -8.62 -8.53
N PRO C 151 -15.02 -9.80 -8.05
CA PRO C 151 -14.57 -11.06 -8.68
C PRO C 151 -15.39 -11.42 -9.92
CA GLY D 48 -45.00 -43.59 4.68
C GLY D 48 -44.25 -44.78 5.23
N VAL D 49 -43.52 -44.58 6.34
CA VAL D 49 -42.73 -45.63 7.01
C VAL D 49 -43.48 -46.25 8.19
N GLU D 50 -43.01 -47.43 8.65
CA GLU D 50 -43.55 -48.17 9.78
C GLU D 50 -42.82 -47.85 11.08
N GLY D 51 -43.45 -48.21 12.19
CA GLY D 51 -42.89 -48.10 13.53
C GLY D 51 -42.77 -46.73 14.14
N LEU D 52 -43.47 -45.74 13.58
CA LEU D 52 -43.48 -44.39 14.16
C LEU D 52 -44.82 -44.15 14.84
N PRO D 53 -44.84 -43.65 16.11
CA PRO D 53 -46.14 -43.39 16.77
C PRO D 53 -47.00 -42.38 16.00
N PRO D 54 -48.35 -42.52 15.98
CA PRO D 54 -49.18 -41.57 15.21
C PRO D 54 -48.96 -40.09 15.53
N GLY D 55 -48.96 -39.26 14.50
CA GLY D 55 -48.74 -37.83 14.62
C GLY D 55 -47.30 -37.42 14.83
N SER D 56 -46.37 -38.39 14.73
CA SER D 56 -44.94 -38.13 14.92
C SER D 56 -44.13 -38.31 13.65
N ALA D 57 -42.90 -37.80 13.65
CA ALA D 57 -41.97 -37.88 12.54
C ALA D 57 -40.56 -38.20 13.02
N LEU D 58 -39.67 -38.51 12.08
CA LEU D 58 -38.28 -38.86 12.36
C LEU D 58 -37.34 -38.16 11.37
N LEU D 59 -36.25 -37.58 11.89
CA LEU D 59 -35.24 -36.92 11.07
C LEU D 59 -33.99 -37.79 11.17
N VAL D 60 -33.49 -38.28 10.03
CA VAL D 60 -32.30 -39.14 10.04
C VAL D 60 -31.16 -38.47 9.30
N VAL D 61 -29.96 -38.43 9.90
CA VAL D 61 -28.77 -37.89 9.24
C VAL D 61 -28.38 -38.88 8.12
N LYS D 62 -28.40 -38.41 6.86
CA LYS D 62 -28.10 -39.22 5.68
C LYS D 62 -26.61 -39.48 5.47
N ARG D 63 -25.75 -38.46 5.66
CA ARG D 63 -24.31 -38.59 5.45
C ARG D 63 -23.44 -37.83 6.46
N GLY D 64 -22.14 -38.07 6.40
CA GLY D 64 -21.15 -37.42 7.25
C GLY D 64 -20.80 -38.18 8.52
N PRO D 65 -20.17 -37.49 9.50
CA PRO D 65 -19.78 -38.16 10.76
C PRO D 65 -20.94 -38.70 11.59
N ASN D 66 -22.10 -38.00 11.54
CA ASN D 66 -23.27 -38.36 12.33
C ASN D 66 -24.32 -39.15 11.52
N ALA D 67 -23.94 -39.69 10.33
CA ALA D 67 -24.83 -40.49 9.49
C ALA D 67 -25.38 -41.69 10.27
N GLY D 68 -26.70 -41.77 10.32
CA GLY D 68 -27.40 -42.81 11.07
C GLY D 68 -28.09 -42.27 12.31
N SER D 69 -27.61 -41.12 12.84
CA SER D 69 -28.21 -40.45 14.00
C SER D 69 -29.59 -39.97 13.62
N ARG D 70 -30.53 -40.08 14.54
CA ARG D 70 -31.90 -39.69 14.28
C ARG D 70 -32.52 -38.92 15.42
N PHE D 71 -33.59 -38.20 15.13
CA PHE D 71 -34.30 -37.37 16.09
C PHE D 71 -35.79 -37.55 15.86
N LEU D 72 -36.52 -37.90 16.92
CA LEU D 72 -37.97 -38.07 16.85
C LEU D 72 -38.66 -36.74 17.13
N LEU D 73 -39.57 -36.36 16.22
CA LEU D 73 -40.38 -35.15 16.34
C LEU D 73 -41.74 -35.57 16.89
N ASP D 74 -42.05 -35.21 18.14
CA ASP D 74 -43.30 -35.57 18.82
C ASP D 74 -43.90 -34.42 19.64
N GLN D 75 -43.25 -33.24 19.60
CA GLN D 75 -43.66 -32.01 20.29
C GLN D 75 -44.19 -31.01 19.26
N ALA D 76 -44.84 -29.93 19.74
CA ALA D 76 -45.36 -28.86 18.89
C ALA D 76 -44.21 -28.03 18.32
N ILE D 77 -43.14 -27.83 19.11
CA ILE D 77 -41.94 -27.10 18.73
C ILE D 77 -40.70 -27.90 19.09
N THR D 78 -39.83 -28.15 18.11
CA THR D 78 -38.59 -28.89 18.29
C THR D 78 -37.44 -28.05 17.73
N SER D 79 -36.56 -27.56 18.62
CA SER D 79 -35.43 -26.72 18.27
C SER D 79 -34.27 -27.51 17.67
N ALA D 80 -33.52 -26.87 16.75
CA ALA D 80 -32.38 -27.49 16.08
C ALA D 80 -31.26 -26.45 15.90
N GLY D 81 -30.07 -26.80 16.38
CA GLY D 81 -28.91 -25.93 16.29
C GLY D 81 -27.70 -26.40 17.08
N ARG D 82 -26.70 -25.53 17.16
CA ARG D 82 -25.43 -25.80 17.84
C ARG D 82 -25.47 -25.41 19.34
N HIS D 83 -26.57 -24.78 19.80
CA HIS D 83 -26.68 -24.42 21.21
C HIS D 83 -26.87 -25.69 22.06
N PRO D 84 -26.16 -25.83 23.20
CA PRO D 84 -26.28 -27.06 24.01
C PRO D 84 -27.70 -27.47 24.44
N ASP D 85 -28.62 -26.49 24.63
CA ASP D 85 -29.99 -26.77 25.06
C ASP D 85 -30.94 -27.17 23.90
N SER D 86 -30.46 -27.08 22.64
CA SER D 86 -31.24 -27.44 21.44
C SER D 86 -31.70 -28.89 21.47
N ASP D 87 -33.00 -29.13 21.20
CA ASP D 87 -33.64 -30.46 21.16
C ASP D 87 -32.92 -31.38 20.16
N ILE D 88 -32.55 -30.82 19.00
CA ILE D 88 -31.79 -31.49 17.95
C ILE D 88 -30.42 -30.77 17.93
N PHE D 89 -29.46 -31.31 18.71
CA PHE D 89 -28.12 -30.75 18.80
C PHE D 89 -27.31 -31.12 17.56
N LEU D 90 -26.92 -30.10 16.79
CA LEU D 90 -26.19 -30.23 15.53
C LEU D 90 -24.85 -29.50 15.59
N ASP D 91 -23.80 -30.19 16.11
CA ASP D 91 -22.46 -29.66 16.29
C ASP D 91 -21.67 -29.61 14.99
N ASP D 92 -21.63 -28.41 14.39
CA ASP D 92 -20.97 -28.07 13.13
C ASP D 92 -20.79 -26.56 13.04
N VAL D 93 -19.56 -26.10 12.69
CA VAL D 93 -19.17 -24.68 12.62
C VAL D 93 -20.13 -23.81 11.80
N THR D 94 -20.77 -24.39 10.76
CA THR D 94 -21.69 -23.69 9.86
C THR D 94 -23.14 -23.66 10.40
N VAL D 95 -23.45 -24.46 11.45
CA VAL D 95 -24.79 -24.48 12.08
C VAL D 95 -24.83 -23.36 13.12
N SER D 96 -25.89 -22.53 13.11
CA SER D 96 -26.09 -21.47 14.09
C SER D 96 -26.58 -22.10 15.38
N ARG D 97 -26.27 -21.44 16.54
CA ARG D 97 -26.72 -21.90 17.87
C ARG D 97 -28.26 -22.07 17.87
N ARG D 98 -28.95 -21.07 17.30
CA ARG D 98 -30.38 -21.07 17.06
C ARG D 98 -30.47 -21.07 15.53
N HIS D 99 -30.68 -22.24 14.93
CA HIS D 99 -30.70 -22.34 13.47
C HIS D 99 -32.12 -22.45 12.92
N ALA D 100 -32.83 -23.53 13.30
CA ALA D 100 -34.17 -23.79 12.83
C ALA D 100 -35.03 -24.48 13.90
N GLU D 101 -36.34 -24.56 13.62
CA GLU D 101 -37.32 -25.19 14.48
C GLU D 101 -38.25 -26.03 13.62
N PHE D 102 -38.66 -27.17 14.14
CA PHE D 102 -39.59 -28.08 13.49
C PHE D 102 -40.87 -27.93 14.29
N ARG D 103 -41.93 -27.46 13.62
CA ARG D 103 -43.22 -27.17 14.23
C ARG D 103 -44.34 -28.07 13.76
N LEU D 104 -45.10 -28.62 14.72
CA LEU D 104 -46.26 -29.48 14.49
C LEU D 104 -47.50 -28.59 14.59
N GLU D 105 -48.02 -28.15 13.44
CA GLU D 105 -49.20 -27.28 13.32
C GLU D 105 -50.19 -27.85 12.31
N ASN D 106 -51.47 -27.97 12.71
CA ASN D 106 -52.59 -28.51 11.93
C ASN D 106 -52.33 -29.96 11.46
N ASN D 107 -51.94 -30.83 12.42
CA ASN D 107 -51.63 -32.26 12.26
C ASN D 107 -50.50 -32.55 11.23
N GLU D 108 -49.75 -31.50 10.84
CA GLU D 108 -48.64 -31.58 9.88
C GLU D 108 -47.37 -30.91 10.42
N PHE D 109 -46.19 -31.40 9.97
CA PHE D 109 -44.88 -30.89 10.37
C PHE D 109 -44.33 -29.86 9.40
N ASN D 110 -43.71 -28.81 9.93
CA ASN D 110 -43.13 -27.72 9.16
C ASN D 110 -41.77 -27.32 9.73
N VAL D 111 -40.79 -27.06 8.85
CA VAL D 111 -39.45 -26.59 9.25
C VAL D 111 -39.39 -25.08 9.04
N VAL D 112 -38.92 -24.33 10.04
CA VAL D 112 -38.83 -22.87 10.00
C VAL D 112 -37.42 -22.41 10.41
N ASP D 113 -36.79 -21.56 9.58
CA ASP D 113 -35.48 -20.97 9.82
C ASP D 113 -35.72 -19.81 10.81
N VAL D 114 -35.04 -19.82 11.98
CA VAL D 114 -35.26 -18.81 13.04
C VAL D 114 -34.23 -17.65 12.99
N GLY D 115 -33.45 -17.59 11.92
CA GLY D 115 -32.46 -16.53 11.74
C GLY D 115 -31.03 -17.02 11.77
N SER D 116 -30.73 -17.98 10.91
CA SER D 116 -29.40 -18.57 10.81
C SER D 116 -28.53 -17.81 9.81
N LEU D 117 -27.21 -17.97 9.95
CA LEU D 117 -26.22 -17.35 9.10
C LEU D 117 -26.22 -17.94 7.69
N ASN D 118 -26.23 -19.29 7.58
CA ASN D 118 -26.14 -19.98 6.29
C ASN D 118 -27.49 -20.50 5.75
N GLY D 119 -28.57 -20.33 6.50
CA GLY D 119 -29.91 -20.72 6.08
C GLY D 119 -30.28 -22.20 6.20
N THR D 120 -31.55 -22.49 5.90
CA THR D 120 -32.15 -23.82 5.91
C THR D 120 -32.61 -24.16 4.50
N TYR D 121 -32.33 -25.39 4.05
CA TYR D 121 -32.68 -25.85 2.71
C TYR D 121 -33.57 -27.08 2.79
N VAL D 122 -34.60 -27.12 1.94
CA VAL D 122 -35.52 -28.25 1.81
C VAL D 122 -35.43 -28.67 0.35
N ASN D 123 -34.94 -29.90 0.11
CA ASN D 123 -34.73 -30.49 -1.21
C ASN D 123 -33.81 -29.60 -2.08
N ARG D 124 -32.71 -29.12 -1.44
CA ARG D 124 -31.63 -28.27 -1.98
C ARG D 124 -32.07 -26.83 -2.33
N GLU D 125 -33.31 -26.44 -1.93
CA GLU D 125 -33.85 -25.10 -2.16
C GLU D 125 -33.89 -24.27 -0.86
N PRO D 126 -33.33 -23.04 -0.85
CA PRO D 126 -33.36 -22.22 0.38
C PRO D 126 -34.78 -21.80 0.78
N VAL D 127 -35.12 -22.00 2.06
CA VAL D 127 -36.45 -21.69 2.58
C VAL D 127 -36.43 -20.93 3.90
N ASP D 128 -37.51 -20.17 4.16
CA ASP D 128 -37.74 -19.48 5.40
C ASP D 128 -38.60 -20.45 6.22
N SER D 129 -39.66 -20.99 5.59
CA SER D 129 -40.58 -21.98 6.16
C SER D 129 -41.09 -22.91 5.06
N ALA D 130 -41.17 -24.21 5.39
CA ALA D 130 -41.63 -25.24 4.45
C ALA D 130 -42.35 -26.37 5.15
N VAL D 131 -43.45 -26.84 4.55
CA VAL D 131 -44.25 -27.98 5.02
C VAL D 131 -43.46 -29.24 4.62
N LEU D 132 -43.32 -30.20 5.55
CA LEU D 132 -42.55 -31.42 5.30
C LEU D 132 -43.40 -32.66 4.99
N ALA D 133 -43.09 -33.30 3.85
CA ALA D 133 -43.71 -34.54 3.37
C ALA D 133 -42.67 -35.65 3.55
N ASN D 134 -43.13 -36.92 3.65
CA ASN D 134 -42.25 -38.07 3.84
C ASN D 134 -41.24 -38.20 2.70
N GLY D 135 -39.96 -38.23 3.04
CA GLY D 135 -38.86 -38.34 2.10
C GLY D 135 -38.11 -37.05 1.80
N ASP D 136 -38.59 -35.90 2.33
CA ASP D 136 -37.97 -34.60 2.15
C ASP D 136 -36.60 -34.52 2.82
N GLU D 137 -35.66 -33.83 2.19
CA GLU D 137 -34.31 -33.65 2.70
C GLU D 137 -34.11 -32.24 3.24
N VAL D 138 -33.68 -32.14 4.50
CA VAL D 138 -33.45 -30.87 5.20
C VAL D 138 -31.95 -30.66 5.43
N GLN D 139 -31.43 -29.54 4.92
CA GLN D 139 -30.02 -29.19 5.10
C GLN D 139 -29.87 -28.06 6.09
N ILE D 140 -29.21 -28.36 7.22
CA ILE D 140 -28.88 -27.44 8.29
C ILE D 140 -27.35 -27.56 8.43
N GLY D 141 -26.65 -26.53 7.99
CA GLY D 141 -25.19 -26.50 7.95
C GLY D 141 -24.68 -27.49 6.93
N LYS D 142 -23.88 -28.45 7.40
CA LYS D 142 -23.33 -29.53 6.59
C LYS D 142 -24.14 -30.82 6.84
N PHE D 143 -25.22 -30.74 7.65
CA PHE D 143 -26.09 -31.87 7.97
C PHE D 143 -27.15 -32.07 6.90
N ARG D 144 -27.31 -33.32 6.45
CA ARG D 144 -28.35 -33.72 5.50
C ARG D 144 -29.30 -34.60 6.30
N LEU D 145 -30.52 -34.13 6.55
CA LEU D 145 -31.50 -34.89 7.34
C LEU D 145 -32.69 -35.28 6.49
N VAL D 146 -33.02 -36.57 6.48
CA VAL D 146 -34.19 -37.06 5.75
C VAL D 146 -35.35 -37.08 6.73
N PHE D 147 -36.47 -36.46 6.34
CA PHE D 147 -37.68 -36.39 7.12
C PHE D 147 -38.55 -37.60 6.77
N LEU D 148 -38.96 -38.36 7.80
CA LEU D 148 -39.80 -39.54 7.64
C LEU D 148 -41.02 -39.46 8.53
N THR D 149 -42.18 -39.81 7.98
CA THR D 149 -43.44 -39.81 8.72
C THR D 149 -44.28 -41.02 8.31
N GLY D 150 -45.27 -41.37 9.14
CA GLY D 150 -46.16 -42.49 8.89
C GLY D 150 -47.25 -42.16 7.88
N PRO D 151 -48.08 -43.15 7.49
CA PRO D 151 -49.14 -42.85 6.51
C PRO D 151 -50.43 -42.31 7.14
N UNK E 1 25.01 38.05 6.90
CA UNK E 1 25.93 37.48 7.88
C UNK E 1 27.22 36.96 7.22
N UNK E 2 27.10 36.21 6.11
CA UNK E 2 28.23 35.65 5.36
C UNK E 2 28.86 36.71 4.47
N UNK E 3 28.04 37.66 3.97
CA UNK E 3 28.44 38.75 3.09
C UNK E 3 29.39 39.74 3.77
N UNK E 4 30.26 40.38 2.97
CA UNK E 4 31.23 41.37 3.45
C UNK E 4 30.53 42.68 3.84
N UNK E 5 30.94 43.28 4.98
CA UNK E 5 30.36 44.53 5.49
C UNK E 5 31.45 45.55 5.80
PG ACP F . 18.46 21.22 -13.60
O1G ACP F . 18.35 20.71 -15.05
O2G ACP F . 17.14 21.69 -13.06
O3G ACP F . 19.13 20.15 -12.72
PB ACP F . 19.17 24.07 -14.41
O1B ACP F . 18.91 23.80 -15.91
O2B ACP F . 17.93 24.73 -13.86
C3B ACP F . 19.70 22.52 -13.69
PA ACP F . 21.18 25.71 -13.06
O1A ACP F . 20.18 26.68 -12.43
O2A ACP F . 21.71 24.70 -12.11
O3A ACP F . 20.45 25.02 -14.30
O5' ACP F . 22.36 26.60 -13.73
C5' ACP F . 23.51 26.01 -14.36
C4' ACP F . 24.75 26.81 -14.00
O4' ACP F . 24.60 28.17 -14.48
C3' ACP F . 25.05 26.95 -12.51
O3' ACP F . 25.76 25.83 -12.01
C2' ACP F . 25.84 28.27 -12.45
O2' ACP F . 27.22 28.07 -12.74
C1' ACP F . 25.17 29.08 -13.56
N9 ACP F . 24.15 30.02 -13.09
C8 ACP F . 22.80 29.77 -12.97
N7 ACP F . 22.10 30.82 -12.62
C5 ACP F . 23.05 31.83 -12.49
C6 ACP F . 22.95 33.19 -12.14
N6 ACP F . 21.81 33.81 -11.82
N1 ACP F . 24.10 33.92 -12.14
C2 ACP F . 25.25 33.31 -12.43
N3 ACP F . 25.46 32.03 -12.75
C4 ACP F . 24.32 31.34 -12.78
MG MG G . 15.72 23.73 -12.88
S SO4 H . 24.18 49.99 -21.76
O1 SO4 H . 25.45 49.29 -21.87
O2 SO4 H . 24.28 51.05 -20.78
O3 SO4 H . 23.14 49.05 -21.37
O4 SO4 H . 23.82 50.56 -23.07
PG ACP I . -11.00 -11.79 3.32
O1G ACP I . -11.84 -11.32 2.10
O2G ACP I . -11.88 -11.58 4.58
O3G ACP I . -10.61 -13.23 3.17
PB ACP I . -9.43 -9.67 4.89
O1B ACP I . -10.58 -8.64 4.76
O2B ACP I . -9.57 -10.35 6.23
C3B ACP I . -9.55 -10.71 3.43
PA ACP I . -6.53 -9.29 4.85
O1A ACP I . -6.19 -10.24 3.78
O2A ACP I . -6.32 -9.84 6.25
O3A ACP I . -8.05 -8.86 4.75
O5' ACP I . -5.69 -7.93 4.72
C5' ACP I . -5.62 -7.17 3.50
C4' ACP I . -4.24 -6.63 3.29
O4' ACP I . -3.89 -5.75 4.37
C3' ACP I . -3.13 -7.67 3.23
O3' ACP I . -2.98 -8.22 1.93
C2' ACP I . -1.90 -6.87 3.67
O2' ACP I . -1.31 -6.13 2.61
C1' ACP I . -2.52 -5.91 4.70
N9 ACP I . -2.40 -6.36 6.09
C8 ACP I . -3.31 -7.11 6.80
N7 ACP I . -2.98 -7.33 8.04
C5 ACP I . -1.77 -6.66 8.17
C6 ACP I . -0.91 -6.46 9.27
N6 ACP I . -1.14 -6.98 10.48
N1 ACP I . 0.19 -5.71 9.08
C2 ACP I . 0.43 -5.21 7.86
N3 ACP I . -0.30 -5.33 6.75
C4 ACP I . -1.40 -6.07 6.98
MG MG J . -10.70 -12.66 7.16
S SO4 K . -14.10 10.54 -0.59
O1 SO4 K . -14.49 11.25 -1.81
O2 SO4 K . -13.03 11.29 0.09
O3 SO4 K . -15.26 10.42 0.29
O4 SO4 K . -13.61 9.22 -0.94
S SO4 L . 1.55 19.67 -3.51
O1 SO4 L . 2.62 19.11 -2.66
O2 SO4 L . 1.68 21.13 -3.55
O3 SO4 L . 1.66 19.12 -4.86
O4 SO4 L . 0.24 19.30 -2.96
#